data_6FVB
#
_entry.id   6FVB
#
_cell.length_a   139.851
_cell.length_b   139.851
_cell.length_c   148.150
_cell.angle_alpha   90.00
_cell.angle_beta   90.00
_cell.angle_gamma   90.00
#
_symmetry.space_group_name_H-M   'P 41 21 2'
#
_entity_poly.entity_id   1
_entity_poly.type   'polypeptide(L)'
_entity_poly.pdbx_seq_one_letter_code
;ASSLNELNLVQVLEQASNPQHIRSDVQKLAEQQLRQWETQAGFHYLLQSIYLNLSNSLQIRWLAVIQFKNGVDKYWRSTR
INAIPKDEKASIRGRLFE(MSE)IDEQNNQLCIQNAQASARIARLDFPVEWPTLFEDLENLLNDEIIRKDSVKIYNIL
(MSE)HINQIVKVLGTARIGRCRPA(MSE)QSKVPLILPLIVRIYLQSFEEWTTSSNLNYEDLSSLQVSYLALKVLRRII
CEGYDRPQTDQSVCDFIKLSVSHFE(MSE)LISNHENFKKFDIYEKFIKCLGKLYFNLVTGSPANFILLPCSTQILITYT
RLIFDKAPKVYRENSDVTGDFWEQTAIRGLLILKRVINFIHKKGAITLKARSDKLTIDASINKINTEFLNENLITRLVDT
L(MSE)EWYLRLRPTELENWF(MSE)DPEEWINEQ(MSE)ATSYEYQIRPCAENVFQDL(MSE)NTFSELLVPYLLKKIE
NDASKLSNSLDDFLRKDAIYASFQLSASAVSE(MSE)VDFDRLLIQVFLPEATNTNISGDELRIIRRRVALIINEWSTVK
CSEESKSLCYKLFTNFLTDEDDKVVLLTTVQTVRT(MSE)VDDWNFNKDTFQPFLTENVHLLLRKILPSVSLTETRLYVL
NTLSDIIIQTKPLISRDLLVEILQIIPNLWEIATNNASEAILANALLRLLRNLVSSLGSQSHLTWDIAIPVVALACDPSS
(MSE)QYQLLSEDGYELWG(MSE)LLQNFSSHDQEFDDKFVELVPFLKYGIETHTEILPTLLEIIKSYALILNPVDFFSN
NTFQDIFKQ(MSE)SKYLLKLREDSFQLVLEIWEILILSNESDYENLLLQKFYETGVLSALFDAIFLEEAPSSYLCSQII
QIIARISYVNPDAL(MSE)TFLATYHDNLPTSNENAR(MSE)PESIRKIVSKDQTYDSVVNKLLTGWIVCFRDIFDPKFK
KVHILGISSLLRTGLVPILTEFSSIASLWIE(MSE)LEEINETNRGDCEKYHLNDIVTEQSIAFHPLTAEQLRYHQLCKN
NDPVHNISLKDFISQS(MSE)EYLESHLGVERYQEFLKTINPSLLENLQ(MSE)FLSIQPQEARP
;
_entity_poly.pdbx_strand_id   A
#
# COMPACT_ATOMS: atom_id res chain seq x y z
N LEU A 4 -8.13 49.09 24.90
CA LEU A 4 -6.86 48.47 25.24
C LEU A 4 -6.20 48.08 23.93
N ASN A 5 -4.89 48.31 23.77
CA ASN A 5 -4.24 48.01 22.50
C ASN A 5 -2.73 47.73 22.49
N GLU A 6 -1.92 48.76 22.66
CA GLU A 6 -0.49 48.59 22.48
C GLU A 6 0.26 47.55 23.30
N LEU A 7 0.09 47.60 24.62
CA LEU A 7 0.75 46.66 25.52
C LEU A 7 -0.08 45.40 25.78
N ASN A 8 -1.16 45.22 25.02
CA ASN A 8 -2.03 44.07 25.19
C ASN A 8 -1.38 42.83 24.60
N LEU A 9 -0.52 43.03 23.61
CA LEU A 9 0.18 41.93 22.95
C LEU A 9 1.67 41.89 23.32
N VAL A 10 2.05 42.61 24.37
CA VAL A 10 3.44 42.64 24.80
C VAL A 10 3.61 42.04 26.20
N GLN A 11 2.93 42.61 27.18
CA GLN A 11 3.00 42.11 28.55
C GLN A 11 2.56 40.65 28.58
N VAL A 12 1.63 40.31 27.70
CA VAL A 12 1.10 38.96 27.61
C VAL A 12 2.22 38.03 27.12
N LEU A 13 3.42 38.57 26.93
CA LEU A 13 4.59 37.79 26.60
C LEU A 13 5.74 38.10 27.57
N ASP A 25 4.73 30.22 31.88
CA ASP A 25 4.62 29.76 33.27
C ASP A 25 3.97 30.83 34.14
N VAL A 26 4.47 32.07 34.06
CA VAL A 26 3.90 33.17 34.82
C VAL A 26 3.37 34.21 33.84
N GLN A 27 4.26 34.77 33.02
CA GLN A 27 3.83 35.74 32.01
C GLN A 27 3.14 35.04 30.85
N LYS A 28 3.71 33.93 30.38
CA LYS A 28 3.09 33.19 29.28
C LYS A 28 1.73 32.63 29.70
N LEU A 29 1.61 32.12 30.93
CA LEU A 29 0.36 31.49 31.34
C LEU A 29 -0.70 32.55 31.72
N ALA A 30 -0.50 33.22 32.85
CA ALA A 30 -1.51 34.10 33.41
C ALA A 30 -2.00 35.13 32.40
N GLU A 31 -1.15 36.09 32.08
CA GLU A 31 -1.47 37.16 31.14
C GLU A 31 -2.30 36.67 29.98
N GLN A 32 -1.93 35.50 29.42
CA GLN A 32 -2.52 35.05 28.17
C GLN A 32 -4.04 35.21 28.25
N GLN A 33 -4.49 36.40 27.86
CA GLN A 33 -5.89 36.68 27.64
C GLN A 33 -6.00 37.44 26.33
N LEU A 34 -5.35 36.94 25.28
CA LEU A 34 -5.33 37.64 24.00
C LEU A 34 -6.28 37.02 22.98
N ARG A 35 -6.75 35.80 23.23
CA ARG A 35 -7.72 35.18 22.34
C ARG A 35 -8.90 36.09 22.06
N GLN A 36 -9.31 36.90 23.05
CA GLN A 36 -10.45 37.79 22.84
C GLN A 36 -10.19 38.78 21.71
N TRP A 37 -8.93 39.13 21.48
CA TRP A 37 -8.57 40.08 20.43
C TRP A 37 -8.27 39.43 19.10
N GLU A 38 -8.04 38.11 19.08
CA GLU A 38 -7.61 37.44 17.84
C GLU A 38 -8.60 37.63 16.71
N THR A 39 -9.88 37.77 17.02
CA THR A 39 -10.93 37.78 16.00
C THR A 39 -11.41 39.17 15.65
N GLN A 40 -10.74 40.21 16.13
CA GLN A 40 -11.25 41.57 16.00
C GLN A 40 -10.97 42.14 14.61
N ALA A 41 -11.84 43.06 14.19
CA ALA A 41 -11.73 43.73 12.90
C ALA A 41 -10.67 44.83 13.02
N GLY A 42 -9.42 44.42 12.84
CA GLY A 42 -8.30 45.32 12.95
C GLY A 42 -7.12 44.70 13.65
N PHE A 43 -7.36 43.58 14.33
CA PHE A 43 -6.29 42.86 15.02
C PHE A 43 -5.14 42.54 14.07
N HIS A 44 -5.45 42.02 12.89
CA HIS A 44 -4.41 41.56 11.99
C HIS A 44 -3.72 42.72 11.27
N TYR A 45 -4.46 43.76 10.90
CA TYR A 45 -3.76 44.92 10.37
C TYR A 45 -2.89 45.55 11.45
N LEU A 46 -3.31 45.50 12.71
CA LEU A 46 -2.48 46.04 13.78
C LEU A 46 -1.18 45.26 13.92
N LEU A 47 -1.30 43.93 13.91
CA LEU A 47 -0.13 43.07 14.00
C LEU A 47 0.80 43.35 12.83
N GLN A 48 0.22 43.58 11.66
CA GLN A 48 0.98 43.87 10.47
C GLN A 48 1.68 45.21 10.62
N SER A 49 0.94 46.22 11.07
CA SER A 49 1.49 47.56 11.26
C SER A 49 2.68 47.48 12.21
N ILE A 50 2.55 46.67 13.25
CA ILE A 50 3.63 46.50 14.22
C ILE A 50 4.87 45.96 13.53
N TYR A 51 4.69 44.98 12.65
CA TYR A 51 5.83 44.47 11.88
C TYR A 51 6.36 45.55 10.93
N LEU A 52 5.47 46.28 10.27
CA LEU A 52 5.86 47.28 9.28
C LEU A 52 6.64 48.41 9.92
N ASN A 53 6.18 48.89 11.07
CA ASN A 53 6.83 50.02 11.75
C ASN A 53 8.17 49.54 12.30
N LEU A 54 9.23 49.78 11.54
CA LEU A 54 10.58 49.32 11.89
C LEU A 54 11.19 50.08 13.05
N SER A 55 10.46 50.99 13.68
CA SER A 55 10.94 51.64 14.89
C SER A 55 10.64 50.83 16.15
N ASN A 56 9.76 49.84 16.06
CA ASN A 56 9.51 48.95 17.19
C ASN A 56 10.69 48.01 17.38
N SER A 57 10.81 47.47 18.60
CA SER A 57 11.85 46.50 18.88
C SER A 57 11.76 45.34 17.90
N LEU A 58 12.92 44.89 17.42
CA LEU A 58 12.96 43.77 16.49
C LEU A 58 12.17 42.58 17.03
N GLN A 59 12.23 42.35 18.34
CA GLN A 59 11.51 41.23 18.93
C GLN A 59 10.00 41.46 18.91
N ILE A 60 9.56 42.68 19.19
CA ILE A 60 8.13 42.99 19.12
C ILE A 60 7.62 42.78 17.69
N ARG A 61 8.37 43.29 16.71
CA ARG A 61 8.01 43.10 15.31
C ARG A 61 7.90 41.61 14.98
N TRP A 62 8.88 40.82 15.42
CA TRP A 62 8.89 39.40 15.10
C TRP A 62 7.70 38.69 15.73
N LEU A 63 7.44 38.94 17.01
CA LEU A 63 6.27 38.37 17.67
C LEU A 63 5.00 38.72 16.89
N ALA A 64 4.89 39.99 16.48
CA ALA A 64 3.69 40.44 15.79
C ALA A 64 3.50 39.73 14.45
N VAL A 65 4.58 39.58 13.67
CA VAL A 65 4.44 38.95 12.36
C VAL A 65 4.17 37.45 12.52
N ILE A 66 4.75 36.83 13.55
CA ILE A 66 4.43 35.43 13.85
C ILE A 66 2.92 35.27 14.08
N GLN A 67 2.39 36.03 15.04
CA GLN A 67 0.97 35.93 15.34
C GLN A 67 0.13 36.33 14.13
N PHE A 68 0.64 37.22 13.27
CA PHE A 68 -0.12 37.67 12.11
C PHE A 68 -0.25 36.56 11.07
N LYS A 69 0.85 35.86 10.78
CA LYS A 69 0.76 34.70 9.88
C LYS A 69 -0.16 33.64 10.47
N ASN A 70 -0.02 33.36 11.76
CA ASN A 70 -0.92 32.40 12.40
C ASN A 70 -2.37 32.82 12.26
N GLY A 71 -2.64 34.13 12.39
CA GLY A 71 -3.99 34.62 12.23
C GLY A 71 -4.48 34.55 10.80
N VAL A 72 -3.59 34.71 9.82
CA VAL A 72 -3.96 34.46 8.43
C VAL A 72 -4.51 33.05 8.30
N ASP A 73 -3.76 32.07 8.83
CA ASP A 73 -4.23 30.68 8.73
C ASP A 73 -5.52 30.48 9.52
N LYS A 74 -5.64 31.12 10.68
CA LYS A 74 -6.80 30.86 11.53
C LYS A 74 -8.07 31.46 10.95
N TYR A 75 -8.02 32.72 10.50
CA TYR A 75 -9.23 33.43 10.16
C TYR A 75 -9.24 34.15 8.82
N TRP A 76 -8.11 34.15 8.09
CA TRP A 76 -8.04 34.80 6.80
C TRP A 76 -9.35 34.66 6.05
N ARG A 77 -9.90 33.44 6.04
CA ARG A 77 -11.16 33.16 5.37
C ARG A 77 -12.29 33.97 6.03
N SER A 78 -12.97 34.83 5.28
CA SER A 78 -14.05 35.63 5.83
C SER A 78 -15.34 34.83 5.95
N THR A 79 -15.46 33.77 5.15
CA THR A 79 -16.64 32.92 5.17
C THR A 79 -16.78 32.21 6.50
N ARG A 80 -15.66 31.80 7.07
CA ARG A 80 -15.66 31.10 8.36
C ARG A 80 -15.96 32.08 9.49
N ILE A 81 -16.47 31.55 10.60
CA ILE A 81 -16.80 32.39 11.75
C ILE A 81 -15.52 33.05 12.25
N ASN A 82 -15.66 34.05 13.12
CA ASN A 82 -14.51 34.81 13.62
C ASN A 82 -13.77 35.49 12.47
N ALA A 83 -14.52 35.95 11.47
CA ALA A 83 -13.95 36.47 10.24
C ALA A 83 -13.33 37.85 10.47
N ILE A 84 -12.61 38.31 9.45
CA ILE A 84 -12.06 39.67 9.42
C ILE A 84 -12.59 40.36 8.17
N PRO A 85 -12.92 41.64 8.23
CA PRO A 85 -13.63 42.28 7.12
C PRO A 85 -12.77 42.48 5.88
N LYS A 86 -13.47 42.73 4.76
CA LYS A 86 -12.78 43.01 3.50
C LYS A 86 -11.93 44.26 3.59
N ASP A 87 -12.38 45.27 4.35
CA ASP A 87 -11.58 46.47 4.53
C ASP A 87 -10.20 46.13 5.09
N GLU A 88 -10.18 45.46 6.25
CA GLU A 88 -8.93 45.07 6.87
C GLU A 88 -8.10 44.19 5.94
N LYS A 89 -8.74 43.22 5.29
CA LYS A 89 -8.02 42.30 4.42
C LYS A 89 -7.35 43.06 3.27
N ALA A 90 -8.05 44.05 2.70
CA ALA A 90 -7.48 44.80 1.58
C ALA A 90 -6.32 45.67 2.04
N SER A 91 -6.46 46.34 3.18
CA SER A 91 -5.35 47.15 3.70
C SER A 91 -4.12 46.27 3.94
N ILE A 92 -4.33 45.15 4.64
CA ILE A 92 -3.24 44.20 4.87
C ILE A 92 -2.61 43.78 3.56
N ARG A 93 -3.43 43.27 2.63
CA ARG A 93 -2.93 42.81 1.34
C ARG A 93 -2.10 43.89 0.66
N GLY A 94 -2.52 45.15 0.76
CA GLY A 94 -1.75 46.24 0.23
C GLY A 94 -0.35 46.26 0.80
N ARG A 95 -0.24 46.35 2.12
CA ARG A 95 1.08 46.47 2.74
C ARG A 95 1.64 45.08 3.10
N LEU A 96 2.04 44.35 2.06
CA LEU A 96 2.70 43.06 2.26
C LEU A 96 4.15 43.03 1.80
N PHE A 97 4.50 43.76 0.75
CA PHE A 97 5.88 43.83 0.27
C PHE A 97 6.54 45.17 0.62
N GLU A 98 6.06 45.84 1.67
CA GLU A 98 6.66 47.10 2.06
C GLU A 98 8.00 46.87 2.74
N MSE A 99 8.11 45.82 3.55
CA MSE A 99 9.33 45.60 4.32
C MSE A 99 10.39 44.82 3.58
O MSE A 99 11.18 44.09 4.18
CB MSE A 99 9.01 44.89 5.64
CG MSE A 99 8.13 45.69 6.60
SE MSE A 99 9.00 47.33 7.19
CE MSE A 99 7.98 48.62 6.17
H MSE A 99 7.49 45.22 3.67
HA MSE A 99 9.68 46.48 4.51
HB2 MSE A 99 8.54 44.06 5.43
HB3 MSE A 99 9.85 44.69 6.09
HG2 MSE A 99 7.31 45.93 6.15
HG3 MSE A 99 7.94 45.14 7.38
HE1 MSE A 99 7.75 49.37 6.73
HE2 MSE A 99 8.51 48.92 5.41
HE3 MSE A 99 7.18 48.19 5.84
N ILE A 100 10.43 45.00 2.26
CA ILE A 100 11.55 44.48 1.49
C ILE A 100 12.82 45.27 1.82
N ASP A 101 12.69 46.45 2.44
CA ASP A 101 13.84 47.20 2.91
C ASP A 101 14.41 46.65 4.21
N GLU A 102 13.75 45.67 4.82
CA GLU A 102 14.25 45.00 6.01
C GLU A 102 15.03 43.76 5.56
N GLN A 103 16.31 43.71 5.90
CA GLN A 103 17.17 42.62 5.43
C GLN A 103 16.96 41.32 6.21
N ASN A 104 16.48 41.41 7.46
CA ASN A 104 16.37 40.24 8.33
C ASN A 104 15.56 39.13 7.67
N ASN A 105 16.23 38.00 7.43
CA ASN A 105 15.54 36.86 6.83
C ASN A 105 14.49 36.25 7.76
N GLN A 106 14.75 36.28 9.07
CA GLN A 106 13.81 35.71 10.02
C GLN A 106 12.48 36.44 10.02
N LEU A 107 12.45 37.67 9.51
CA LEU A 107 11.20 38.38 9.28
C LEU A 107 10.72 38.20 7.85
N CYS A 108 11.66 38.22 6.90
CA CYS A 108 11.30 38.20 5.49
C CYS A 108 10.59 36.91 5.12
N ILE A 109 11.11 35.76 5.58
CA ILE A 109 10.51 34.49 5.18
C ILE A 109 9.17 34.27 5.88
N GLN A 110 9.02 34.80 7.10
CA GLN A 110 7.73 34.71 7.78
C GLN A 110 6.69 35.54 7.05
N ASN A 111 7.01 36.80 6.74
CA ASN A 111 6.08 37.60 5.96
C ASN A 111 5.82 36.97 4.60
N ALA A 112 6.82 36.28 4.04
CA ALA A 112 6.64 35.63 2.74
C ALA A 112 5.65 34.48 2.83
N GLN A 113 5.73 33.69 3.92
CA GLN A 113 4.75 32.63 4.10
C GLN A 113 3.36 33.19 4.30
N ALA A 114 3.25 34.29 5.06
CA ALA A 114 1.95 34.93 5.23
C ALA A 114 1.40 35.42 3.89
N SER A 115 2.26 36.05 3.08
CA SER A 115 1.84 36.51 1.75
C SER A 115 1.45 35.33 0.87
N ALA A 116 2.21 34.23 0.94
CA ALA A 116 1.90 33.06 0.13
C ALA A 116 0.55 32.48 0.52
N ARG A 117 0.26 32.43 1.82
CA ARG A 117 -1.03 31.91 2.26
C ARG A 117 -2.17 32.83 1.81
N ILE A 118 -2.00 34.15 1.97
CA ILE A 118 -3.02 35.08 1.50
C ILE A 118 -3.21 34.96 -0.01
N ALA A 119 -2.12 34.71 -0.74
CA ALA A 119 -2.21 34.60 -2.19
C ALA A 119 -2.90 33.31 -2.61
N ARG A 120 -2.61 32.21 -1.90
CA ARG A 120 -3.32 30.96 -2.16
C ARG A 120 -4.81 31.14 -1.94
N LEU A 121 -5.19 31.73 -0.79
CA LEU A 121 -6.61 31.93 -0.50
C LEU A 121 -7.21 33.01 -1.41
N ASP A 122 -6.45 34.07 -1.67
CA ASP A 122 -6.92 35.19 -2.49
C ASP A 122 -5.92 35.44 -3.62
N PHE A 123 -6.18 34.89 -4.80
CA PHE A 123 -5.41 35.34 -5.97
C PHE A 123 -6.28 35.56 -7.19
N PRO A 124 -6.63 34.51 -7.96
CA PRO A 124 -7.30 34.76 -9.26
C PRO A 124 -8.50 35.68 -9.12
N VAL A 125 -9.15 35.63 -7.96
CA VAL A 125 -10.14 36.62 -7.56
C VAL A 125 -9.67 37.22 -6.24
N GLU A 126 -10.12 38.45 -5.97
CA GLU A 126 -9.81 39.16 -4.73
C GLU A 126 -8.41 39.78 -4.73
N TRP A 127 -7.48 39.22 -5.50
CA TRP A 127 -6.15 39.82 -5.65
C TRP A 127 -5.61 39.53 -7.04
N PRO A 128 -6.31 39.95 -8.10
CA PRO A 128 -5.86 39.62 -9.46
C PRO A 128 -4.61 40.38 -9.88
N THR A 129 -4.26 41.46 -9.19
CA THR A 129 -3.13 42.28 -9.58
C THR A 129 -1.79 41.68 -9.20
N LEU A 130 -1.77 40.60 -8.42
CA LEU A 130 -0.52 39.90 -8.11
C LEU A 130 0.23 39.56 -9.39
N PHE A 131 1.56 39.48 -9.27
CA PHE A 131 2.47 39.29 -10.41
C PHE A 131 2.58 40.55 -11.26
N GLU A 132 1.56 41.41 -11.21
CA GLU A 132 1.64 42.75 -11.81
C GLU A 132 2.06 43.79 -10.79
N ASP A 133 1.56 43.68 -9.54
CA ASP A 133 2.19 44.38 -8.44
C ASP A 133 3.64 43.97 -8.30
N LEU A 134 3.91 42.66 -8.40
CA LEU A 134 5.28 42.16 -8.33
C LEU A 134 6.12 42.65 -9.50
N GLU A 135 5.52 42.70 -10.70
CA GLU A 135 6.24 43.20 -11.86
C GLU A 135 6.75 44.62 -11.62
N ASN A 136 5.92 45.48 -11.02
CA ASN A 136 6.34 46.85 -10.77
C ASN A 136 7.27 46.95 -9.57
N LEU A 137 7.12 46.08 -8.57
CA LEU A 137 8.14 46.01 -7.53
C LEU A 137 9.51 45.71 -8.13
N LEU A 138 9.56 44.76 -9.06
CA LEU A 138 10.82 44.41 -9.71
C LEU A 138 11.30 45.55 -10.60
N ASN A 139 10.41 46.21 -11.34
CA ASN A 139 10.81 47.37 -12.13
C ASN A 139 11.43 48.44 -11.24
N ASP A 140 10.81 48.71 -10.09
CA ASP A 140 11.20 49.82 -9.24
C ASP A 140 12.44 49.53 -8.41
N GLU A 141 12.75 48.26 -8.16
CA GLU A 141 13.91 47.94 -7.34
C GLU A 141 15.06 47.30 -8.12
N ILE A 142 14.83 46.86 -9.36
CA ILE A 142 15.93 46.40 -10.20
C ILE A 142 16.89 47.54 -10.49
N ILE A 143 16.37 48.76 -10.49
CA ILE A 143 17.19 49.96 -10.61
C ILE A 143 17.32 50.55 -9.21
N ARG A 144 18.11 49.90 -8.36
CA ARG A 144 18.28 50.35 -6.98
C ARG A 144 19.52 49.70 -6.38
N LYS A 145 20.30 50.50 -5.66
CA LYS A 145 21.42 49.94 -4.90
C LYS A 145 20.95 48.81 -3.99
N ASP A 146 19.77 48.98 -3.41
CA ASP A 146 19.22 47.99 -2.49
C ASP A 146 18.92 46.71 -3.27
N SER A 147 19.98 45.93 -3.47
CA SER A 147 19.80 44.52 -3.80
C SER A 147 19.25 43.75 -2.61
N VAL A 148 19.23 44.36 -1.43
CA VAL A 148 18.51 43.80 -0.29
C VAL A 148 17.01 43.76 -0.58
N LYS A 149 16.47 44.87 -1.09
CA LYS A 149 15.07 44.88 -1.48
C LYS A 149 14.79 43.85 -2.56
N ILE A 150 15.69 43.72 -3.54
CA ILE A 150 15.54 42.70 -4.56
C ILE A 150 15.51 41.32 -3.92
N TYR A 151 16.43 41.07 -2.98
CA TYR A 151 16.50 39.76 -2.33
C TYR A 151 15.20 39.43 -1.61
N ASN A 152 14.62 40.41 -0.93
CA ASN A 152 13.39 40.16 -0.18
C ASN A 152 12.20 39.98 -1.12
N ILE A 153 12.14 40.76 -2.21
CA ILE A 153 11.14 40.51 -3.24
C ILE A 153 11.27 39.08 -3.77
N LEU A 154 12.51 38.63 -3.99
CA LEU A 154 12.73 37.30 -4.53
C LEU A 154 12.30 36.23 -3.54
N MSE A 155 12.52 36.45 -2.26
CA MSE A 155 12.10 35.51 -1.23
C MSE A 155 10.57 35.37 -1.20
O MSE A 155 10.02 34.26 -1.16
CB MSE A 155 12.62 35.96 0.13
CG MSE A 155 12.35 34.99 1.25
SE MSE A 155 13.17 35.59 2.89
CE MSE A 155 15.01 35.05 2.62
H MSE A 155 12.91 37.15 -1.95
HA MSE A 155 12.48 34.64 -1.41
HB2 MSE A 155 13.59 36.09 0.07
HB3 MSE A 155 12.20 36.80 0.36
HG2 MSE A 155 11.39 34.92 1.39
HG3 MSE A 155 12.72 34.12 1.01
HE1 MSE A 155 15.50 35.20 3.44
HE2 MSE A 155 15.03 34.11 2.38
HE3 MSE A 155 15.39 35.58 1.91
N HIS A 156 9.90 36.52 -1.23
CA HIS A 156 8.44 36.50 -1.27
C HIS A 156 7.94 35.80 -2.53
N ILE A 157 8.59 36.06 -3.67
CA ILE A 157 8.22 35.37 -4.90
C ILE A 157 8.46 33.87 -4.76
N ASN A 158 9.55 33.50 -4.11
CA ASN A 158 9.87 32.10 -3.89
C ASN A 158 8.71 31.40 -3.20
N GLN A 159 8.32 31.93 -2.03
CA GLN A 159 7.26 31.29 -1.26
C GLN A 159 5.92 31.34 -2.01
N ILE A 160 5.63 32.46 -2.68
CA ILE A 160 4.34 32.59 -3.37
C ILE A 160 4.25 31.60 -4.51
N VAL A 161 5.26 31.56 -5.37
CA VAL A 161 5.27 30.61 -6.47
C VAL A 161 5.19 29.19 -5.93
N LYS A 162 6.01 28.87 -4.93
CA LYS A 162 5.94 27.55 -4.30
C LYS A 162 4.50 27.19 -3.97
N VAL A 163 3.88 27.99 -3.09
CA VAL A 163 2.56 27.65 -2.56
C VAL A 163 1.54 27.56 -3.69
N LEU A 164 1.51 28.57 -4.56
CA LEU A 164 0.51 28.58 -5.62
C LEU A 164 0.70 27.41 -6.58
N GLY A 165 1.93 26.93 -6.76
CA GLY A 165 2.15 25.77 -7.59
C GLY A 165 1.58 24.49 -7.04
N THR A 166 1.14 24.49 -5.79
CA THR A 166 0.62 23.31 -5.12
C THR A 166 -0.91 23.28 -5.09
N ALA A 167 -1.57 24.18 -5.80
CA ALA A 167 -3.02 24.16 -5.91
C ALA A 167 -3.42 23.18 -7.00
N ARG A 168 -3.97 22.03 -6.61
CA ARG A 168 -4.44 21.05 -7.57
C ARG A 168 -5.90 21.25 -7.94
N ILE A 169 -6.60 22.15 -7.26
CA ILE A 169 -8.04 22.33 -7.41
C ILE A 169 -8.30 23.76 -7.84
N GLY A 170 -9.11 23.92 -8.89
CA GLY A 170 -9.56 25.23 -9.30
C GLY A 170 -8.73 25.83 -10.40
N ARG A 171 -8.70 27.16 -10.47
CA ARG A 171 -7.96 27.90 -11.48
C ARG A 171 -6.94 28.86 -10.88
N CYS A 172 -6.58 28.64 -9.60
CA CYS A 172 -5.54 29.43 -8.97
C CYS A 172 -4.19 29.21 -9.66
N ARG A 173 -3.81 27.94 -9.83
CA ARG A 173 -2.51 27.60 -10.39
C ARG A 173 -2.44 27.98 -11.85
N PRO A 174 -3.49 27.71 -12.65
CA PRO A 174 -3.49 28.25 -14.02
C PRO A 174 -3.24 29.75 -14.09
N ALA A 175 -4.00 30.54 -13.32
CA ALA A 175 -3.82 31.99 -13.33
C ALA A 175 -2.35 32.33 -13.11
N MSE A 176 -1.73 31.71 -12.12
CA MSE A 176 -0.33 31.98 -11.85
C MSE A 176 0.51 31.70 -13.10
O MSE A 176 1.36 32.51 -13.47
CB MSE A 176 0.20 31.14 -10.72
CG MSE A 176 1.72 31.25 -10.70
SE MSE A 176 2.57 30.18 -9.27
CE MSE A 176 2.19 28.41 -9.99
H MSE A 176 -2.09 31.14 -11.58
HA MSE A 176 -0.26 32.91 -11.60
HB2 MSE A 176 -0.15 31.47 -9.88
HB3 MSE A 176 -0.05 30.21 -10.85
HG2 MSE A 176 2.06 30.94 -11.54
HG3 MSE A 176 1.97 32.18 -10.56
HE1 MSE A 176 2.69 27.76 -9.49
HE2 MSE A 176 1.24 28.24 -9.91
HE3 MSE A 176 2.45 28.39 -10.92
N GLN A 177 0.30 30.52 -13.70
CA GLN A 177 1.07 30.17 -14.89
C GLN A 177 0.96 31.26 -15.93
N SER A 178 -0.23 31.84 -16.06
CA SER A 178 -0.46 32.86 -17.07
C SER A 178 0.24 34.15 -16.71
N LYS A 179 0.25 34.51 -15.43
CA LYS A 179 0.76 35.82 -15.02
C LYS A 179 2.28 35.84 -14.94
N VAL A 180 2.88 34.75 -14.46
CA VAL A 180 4.29 34.81 -14.04
C VAL A 180 5.24 35.05 -15.21
N PRO A 181 4.84 34.88 -16.47
CA PRO A 181 5.68 35.40 -17.56
C PRO A 181 6.02 36.88 -17.43
N LEU A 182 5.15 37.67 -16.80
CA LEU A 182 5.47 39.08 -16.55
C LEU A 182 6.62 39.25 -15.57
N ILE A 183 6.94 38.19 -14.82
CA ILE A 183 8.00 38.23 -13.82
C ILE A 183 9.30 37.65 -14.35
N LEU A 184 9.21 36.59 -15.15
CA LEU A 184 10.36 35.82 -15.59
C LEU A 184 11.52 36.68 -16.06
N PRO A 185 11.35 37.51 -17.09
CA PRO A 185 12.52 38.24 -17.64
C PRO A 185 13.18 39.14 -16.61
N LEU A 186 12.40 39.89 -15.82
CA LEU A 186 12.98 40.71 -14.77
C LEU A 186 13.88 39.87 -13.87
N ILE A 187 13.35 38.76 -13.35
CA ILE A 187 14.15 37.87 -12.53
C ILE A 187 15.45 37.51 -13.23
N VAL A 188 15.34 37.15 -14.53
CA VAL A 188 16.54 36.77 -15.27
C VAL A 188 17.54 37.91 -15.21
N ARG A 189 17.08 39.13 -15.52
CA ARG A 189 17.96 40.29 -15.46
C ARG A 189 18.70 40.31 -14.13
N ILE A 190 17.93 40.23 -13.03
CA ILE A 190 18.53 40.26 -11.70
C ILE A 190 19.66 39.22 -11.65
N TYR A 191 19.30 37.96 -11.90
CA TYR A 191 20.30 36.89 -11.87
C TYR A 191 21.52 37.33 -12.66
N LEU A 192 21.32 37.67 -13.94
CA LEU A 192 22.44 37.95 -14.81
C LEU A 192 23.31 39.02 -14.18
N GLN A 193 22.70 40.15 -13.82
CA GLN A 193 23.48 41.26 -13.29
C GLN A 193 24.37 40.73 -12.18
N SER A 194 23.75 40.15 -11.14
CA SER A 194 24.51 39.79 -9.96
C SER A 194 25.55 38.74 -10.31
N PHE A 195 25.18 37.79 -11.18
CA PHE A 195 26.13 36.77 -11.62
C PHE A 195 27.41 37.47 -12.07
N GLU A 196 27.27 38.34 -13.08
CA GLU A 196 28.44 39.05 -13.59
C GLU A 196 29.17 39.72 -12.45
N GLU A 197 28.43 40.41 -11.58
CA GLU A 197 29.04 41.20 -10.52
C GLU A 197 30.12 40.40 -9.80
N TRP A 198 29.80 39.17 -9.41
CA TRP A 198 30.70 38.43 -8.55
C TRP A 198 31.46 37.35 -9.30
N THR A 199 31.33 37.31 -10.63
CA THR A 199 32.11 36.35 -11.40
C THR A 199 33.60 36.53 -11.11
N THR A 200 34.09 37.76 -11.26
CA THR A 200 35.51 38.05 -11.12
C THR A 200 35.85 38.88 -9.89
N SER A 201 34.90 39.65 -9.34
CA SER A 201 35.20 40.48 -8.19
C SER A 201 35.13 39.65 -6.91
N SER A 202 35.42 40.30 -5.78
CA SER A 202 35.39 39.66 -4.48
C SER A 202 34.21 40.11 -3.63
N ASN A 203 33.17 40.67 -4.26
CA ASN A 203 31.96 41.02 -3.53
C ASN A 203 31.07 39.79 -3.40
N SER A 210 30.17 39.85 -2.40
CA SER A 210 29.30 38.71 -2.11
C SER A 210 27.83 39.07 -2.23
N SER A 211 27.42 39.56 -3.38
CA SER A 211 26.00 39.55 -3.76
C SER A 211 25.57 38.17 -4.26
N LEU A 212 26.44 37.18 -4.15
CA LEU A 212 26.17 35.85 -4.66
C LEU A 212 24.87 35.29 -4.11
N GLN A 213 24.58 35.55 -2.83
CA GLN A 213 23.34 35.06 -2.22
C GLN A 213 22.13 35.45 -3.06
N VAL A 214 22.14 36.67 -3.60
CA VAL A 214 21.02 37.13 -4.41
C VAL A 214 20.93 36.35 -5.72
N SER A 215 22.07 36.17 -6.40
CA SER A 215 22.07 35.36 -7.62
C SER A 215 21.56 33.96 -7.33
N TYR A 216 21.99 33.37 -6.22
CA TYR A 216 21.58 32.04 -5.82
C TYR A 216 20.07 31.96 -5.66
N LEU A 217 19.49 32.86 -4.88
CA LEU A 217 18.05 32.83 -4.68
C LEU A 217 17.30 33.12 -5.99
N ALA A 218 17.84 34.00 -6.83
CA ALA A 218 17.21 34.28 -8.12
C ALA A 218 17.17 33.04 -8.99
N LEU A 219 18.24 32.24 -8.96
CA LEU A 219 18.28 31.01 -9.74
C LEU A 219 17.32 29.97 -9.18
N LYS A 220 17.21 29.89 -7.85
CA LYS A 220 16.19 29.02 -7.26
C LYS A 220 14.79 29.40 -7.73
N VAL A 221 14.48 30.71 -7.69
CA VAL A 221 13.16 31.18 -8.09
C VAL A 221 12.93 30.90 -9.57
N LEU A 222 13.99 31.04 -10.39
CA LEU A 222 13.84 30.74 -11.80
C LEU A 222 13.55 29.26 -12.02
N ARG A 223 14.22 28.38 -11.28
CA ARG A 223 13.90 26.95 -11.36
C ARG A 223 12.42 26.73 -11.11
N ARG A 224 11.91 27.31 -10.02
CA ARG A 224 10.47 27.20 -9.74
C ARG A 224 9.65 27.67 -10.94
N ILE A 225 9.85 28.92 -11.35
CA ILE A 225 8.98 29.56 -12.33
C ILE A 225 8.99 28.77 -13.63
N ILE A 226 10.17 28.28 -14.05
CA ILE A 226 10.23 27.46 -15.26
C ILE A 226 9.42 26.19 -15.07
N CYS A 227 9.49 25.59 -13.87
CA CYS A 227 8.93 24.25 -13.72
C CYS A 227 7.43 24.27 -13.45
N GLU A 228 6.99 25.00 -12.44
CA GLU A 228 5.56 25.10 -12.15
C GLU A 228 5.01 26.42 -12.66
N GLY A 229 5.20 26.62 -13.97
CA GLY A 229 4.72 27.82 -14.60
C GLY A 229 4.40 27.56 -16.06
N TYR A 230 5.26 26.81 -16.74
CA TYR A 230 5.20 26.67 -18.19
C TYR A 230 5.00 25.21 -18.55
N ASP A 231 3.85 24.91 -19.14
CA ASP A 231 3.70 23.70 -19.94
C ASP A 231 4.32 23.96 -21.30
N ARG A 232 5.08 22.98 -21.80
CA ARG A 232 5.84 23.13 -23.04
C ARG A 232 6.71 24.38 -22.96
N PRO A 233 7.49 24.55 -21.88
CA PRO A 233 8.27 25.79 -21.69
C PRO A 233 9.13 26.16 -22.89
N GLN A 234 9.33 25.20 -23.80
CA GLN A 234 10.10 25.46 -25.01
C GLN A 234 9.38 26.42 -25.95
N THR A 235 8.15 26.82 -25.64
CA THR A 235 7.40 27.72 -26.51
C THR A 235 7.49 29.18 -26.09
N ASP A 236 7.70 29.48 -24.82
CA ASP A 236 7.97 30.85 -24.40
C ASP A 236 9.43 31.15 -24.71
N GLN A 237 9.67 32.01 -25.71
CA GLN A 237 11.03 32.20 -26.20
C GLN A 237 11.97 32.73 -25.12
N SER A 238 11.45 33.53 -24.19
CA SER A 238 12.32 34.05 -23.12
C SER A 238 12.86 32.93 -22.25
N VAL A 239 12.02 31.92 -21.96
CA VAL A 239 12.48 30.79 -21.17
C VAL A 239 13.60 30.03 -21.91
N CYS A 240 13.40 29.79 -23.20
CA CYS A 240 14.42 29.14 -24.01
C CYS A 240 15.73 29.91 -23.94
N ASP A 241 15.66 31.23 -24.14
CA ASP A 241 16.85 32.07 -24.06
C ASP A 241 17.57 31.86 -22.73
N PHE A 242 16.83 31.97 -21.63
CA PHE A 242 17.50 31.88 -20.33
C PHE A 242 18.14 30.51 -20.14
N ILE A 243 17.44 29.44 -20.50
CA ILE A 243 17.99 28.10 -20.28
C ILE A 243 19.30 27.94 -21.02
N LYS A 244 19.32 28.33 -22.27
CA LYS A 244 20.55 28.18 -23.00
C LYS A 244 21.64 28.84 -22.21
N LEU A 245 21.54 30.15 -22.04
CA LEU A 245 22.56 30.96 -21.37
C LEU A 245 23.00 30.37 -20.06
N SER A 246 22.03 29.90 -19.30
CA SER A 246 22.41 29.24 -18.06
C SER A 246 23.28 28.02 -18.34
N VAL A 247 23.07 27.35 -19.46
CA VAL A 247 23.97 26.25 -19.83
C VAL A 247 25.38 26.78 -20.00
N SER A 248 25.52 27.93 -20.68
CA SER A 248 26.86 28.50 -20.82
C SER A 248 27.45 28.82 -19.45
N HIS A 249 26.64 29.41 -18.56
CA HIS A 249 27.09 29.65 -17.20
C HIS A 249 27.58 28.36 -16.54
N PHE A 250 26.83 27.28 -16.73
CA PHE A 250 27.19 25.97 -16.16
C PHE A 250 28.57 25.54 -16.64
N GLU A 251 28.79 25.56 -17.96
CA GLU A 251 30.07 25.14 -18.50
C GLU A 251 31.22 25.97 -17.93
N MSE A 252 31.00 27.29 -17.83
CA MSE A 252 32.01 28.16 -17.25
C MSE A 252 32.31 27.66 -15.83
O MSE A 252 33.43 27.20 -15.55
CB MSE A 252 31.55 29.61 -17.23
CG MSE A 252 32.62 30.54 -16.78
SE MSE A 252 32.55 30.81 -14.84
CE MSE A 252 32.14 32.70 -14.85
H MSE A 252 30.28 27.69 -18.08
HA MSE A 252 32.81 28.16 -17.79
HB2 MSE A 252 31.29 29.87 -18.13
HB3 MSE A 252 30.80 29.70 -16.62
HG2 MSE A 252 33.48 30.17 -17.01
HG3 MSE A 252 32.50 31.41 -17.21
HE1 MSE A 252 31.90 32.98 -13.96
HE2 MSE A 252 32.93 33.18 -15.15
HE3 MSE A 252 31.42 32.85 -15.47
N LEU A 253 31.30 27.70 -14.96
CA LEU A 253 31.42 27.25 -13.58
C LEU A 253 32.19 25.95 -13.49
N ILE A 254 31.96 25.04 -14.44
CA ILE A 254 32.68 23.77 -14.43
C ILE A 254 34.17 24.01 -14.65
N SER A 255 34.53 24.61 -15.79
CA SER A 255 35.94 24.69 -16.14
C SER A 255 36.72 25.55 -15.15
N ASN A 256 36.07 26.53 -14.52
CA ASN A 256 36.76 27.38 -13.56
C ASN A 256 36.62 26.91 -12.11
N HIS A 257 35.80 25.87 -11.87
CA HIS A 257 35.89 25.15 -10.60
C HIS A 257 37.26 24.49 -10.48
N GLU A 258 37.76 23.95 -11.59
CA GLU A 258 39.09 23.37 -11.64
C GLU A 258 40.19 24.43 -11.73
N ASN A 259 39.83 25.68 -12.05
CA ASN A 259 40.81 26.74 -12.14
C ASN A 259 40.83 27.55 -10.84
N PHE A 260 40.44 28.81 -10.89
CA PHE A 260 40.74 29.73 -9.80
C PHE A 260 40.09 29.38 -8.46
N LYS A 261 38.82 29.75 -8.31
CA LYS A 261 38.21 29.88 -6.99
C LYS A 261 37.79 28.53 -6.41
N LYS A 262 38.40 28.18 -5.28
CA LYS A 262 38.24 26.86 -4.68
C LYS A 262 37.43 26.97 -3.40
N PHE A 263 36.14 27.22 -3.54
CA PHE A 263 35.28 27.41 -2.38
C PHE A 263 34.05 26.51 -2.50
N ASP A 264 33.51 26.16 -1.33
CA ASP A 264 32.34 25.28 -1.26
C ASP A 264 31.20 25.82 -2.11
N ILE A 265 30.91 27.12 -1.98
CA ILE A 265 29.74 27.69 -2.64
C ILE A 265 29.91 27.82 -4.14
N TYR A 266 31.10 27.53 -4.67
CA TYR A 266 31.29 27.53 -6.11
C TYR A 266 30.54 26.37 -6.77
N GLU A 267 30.16 25.36 -5.99
CA GLU A 267 29.41 24.22 -6.49
C GLU A 267 27.90 24.39 -6.35
N LYS A 268 27.45 25.35 -5.54
CA LYS A 268 26.02 25.52 -5.30
C LYS A 268 25.27 25.82 -6.60
N PHE A 269 25.80 26.73 -7.42
CA PHE A 269 25.13 27.07 -8.67
C PHE A 269 25.16 25.90 -9.65
N ILE A 270 26.27 25.15 -9.67
CA ILE A 270 26.33 23.95 -10.51
C ILE A 270 25.22 23.00 -10.11
N LYS A 271 25.00 22.83 -8.80
CA LYS A 271 23.93 21.96 -8.33
C LYS A 271 22.57 22.49 -8.74
N CYS A 272 22.33 23.79 -8.57
CA CYS A 272 21.03 24.35 -8.93
C CYS A 272 20.74 24.18 -10.41
N LEU A 273 21.73 24.43 -11.26
CA LEU A 273 21.53 24.30 -12.70
C LEU A 273 21.28 22.84 -13.09
N GLY A 274 22.07 21.92 -12.55
CA GLY A 274 21.76 20.51 -12.73
C GLY A 274 20.33 20.20 -12.34
N LYS A 275 19.91 20.70 -11.18
CA LYS A 275 18.56 20.46 -10.70
C LYS A 275 17.53 20.97 -11.70
N LEU A 276 17.76 22.17 -12.24
CA LEU A 276 16.82 22.71 -13.22
C LEU A 276 16.70 21.80 -14.43
N TYR A 277 17.83 21.45 -15.04
CA TYR A 277 17.79 20.59 -16.23
C TYR A 277 17.10 19.27 -15.92
N PHE A 278 17.41 18.67 -14.76
CA PHE A 278 16.87 17.37 -14.40
C PHE A 278 15.37 17.46 -14.15
N ASN A 279 14.92 18.50 -13.44
CA ASN A 279 13.49 18.67 -13.23
C ASN A 279 12.76 18.86 -14.55
N LEU A 280 13.38 19.57 -15.50
CA LEU A 280 12.74 19.75 -16.80
C LEU A 280 12.60 18.43 -17.54
N VAL A 281 13.67 17.62 -17.56
CA VAL A 281 13.59 16.38 -18.34
C VAL A 281 12.69 15.37 -17.64
N THR A 282 12.56 15.48 -16.31
CA THR A 282 11.65 14.58 -15.60
C THR A 282 10.20 14.99 -15.83
N GLY A 283 9.91 16.29 -15.73
CA GLY A 283 8.54 16.75 -15.95
C GLY A 283 8.04 16.41 -17.33
N SER A 284 8.92 16.47 -18.34
CA SER A 284 8.54 16.10 -19.69
C SER A 284 9.76 15.96 -20.58
N PRO A 285 10.24 14.75 -20.83
CA PRO A 285 11.35 14.59 -21.79
C PRO A 285 11.08 15.28 -23.12
N ALA A 286 9.83 15.29 -23.57
CA ALA A 286 9.50 15.94 -24.83
C ALA A 286 9.73 17.44 -24.75
N ASN A 287 9.23 18.08 -23.69
CA ASN A 287 9.41 19.52 -23.54
C ASN A 287 10.88 19.88 -23.35
N PHE A 288 11.62 19.04 -22.64
CA PHE A 288 13.04 19.28 -22.47
C PHE A 288 13.78 19.19 -23.81
N ILE A 289 13.58 18.09 -24.53
CA ILE A 289 14.29 17.87 -25.78
C ILE A 289 14.02 19.01 -26.76
N LEU A 290 12.77 19.45 -26.86
CA LEU A 290 12.44 20.50 -27.81
C LEU A 290 12.94 21.87 -27.37
N LEU A 291 13.66 21.97 -26.27
CA LEU A 291 14.37 23.20 -25.96
C LEU A 291 15.47 23.42 -26.99
N PRO A 292 15.67 24.65 -27.46
CA PRO A 292 16.73 24.89 -28.47
C PRO A 292 18.07 24.32 -28.03
N CYS A 293 18.38 24.39 -26.75
CA CYS A 293 19.69 24.02 -26.22
C CYS A 293 19.68 22.65 -25.55
N SER A 294 18.67 21.83 -25.81
CA SER A 294 18.59 20.54 -25.15
C SER A 294 19.85 19.72 -25.39
N THR A 295 20.24 19.56 -26.66
CA THR A 295 21.42 18.76 -26.97
C THR A 295 22.69 19.41 -26.44
N GLN A 296 22.72 20.73 -26.32
CA GLN A 296 23.84 21.38 -25.63
C GLN A 296 23.99 20.83 -24.22
N ILE A 297 22.89 20.77 -23.49
CA ILE A 297 22.91 20.22 -22.13
C ILE A 297 23.34 18.76 -22.15
N LEU A 298 22.72 17.97 -23.03
CA LEU A 298 22.99 16.54 -23.07
C LEU A 298 24.47 16.27 -23.33
N ILE A 299 25.04 16.94 -24.34
CA ILE A 299 26.43 16.70 -24.69
C ILE A 299 27.37 17.26 -23.62
N THR A 300 27.00 18.37 -22.99
CA THR A 300 27.81 18.88 -21.88
C THR A 300 27.95 17.83 -20.78
N TYR A 301 26.82 17.28 -20.34
CA TYR A 301 26.90 16.26 -19.29
C TYR A 301 27.56 14.98 -19.77
N THR A 302 27.39 14.63 -21.05
CA THR A 302 28.04 13.43 -21.56
C THR A 302 29.55 13.61 -21.57
N ARG A 303 30.03 14.82 -21.89
CA ARG A 303 31.46 15.09 -21.83
C ARG A 303 31.97 15.04 -20.40
N LEU A 304 31.17 15.55 -19.45
CA LEU A 304 31.54 15.40 -18.04
C LEU A 304 31.67 13.93 -17.66
N ILE A 305 30.72 13.11 -18.12
CA ILE A 305 30.74 11.68 -17.80
C ILE A 305 31.97 11.01 -18.40
N PHE A 306 32.26 11.31 -19.66
CA PHE A 306 33.37 10.64 -20.33
C PHE A 306 34.71 11.09 -19.75
N ASP A 307 34.95 12.40 -19.71
CA ASP A 307 36.29 12.92 -19.43
C ASP A 307 36.65 12.85 -17.94
N LYS A 308 35.69 13.09 -17.07
CA LYS A 308 35.94 13.15 -15.64
C LYS A 308 35.70 11.82 -14.94
N ALA A 309 35.59 10.74 -15.69
CA ALA A 309 35.33 9.44 -15.09
C ALA A 309 36.43 9.04 -14.11
N PRO A 310 37.72 9.21 -14.41
CA PRO A 310 38.74 8.94 -13.38
C PRO A 310 38.56 9.74 -12.10
N LYS A 311 38.27 11.04 -12.19
CA LYS A 311 38.02 11.81 -10.98
C LYS A 311 36.88 11.19 -10.16
N VAL A 312 35.78 10.82 -10.83
CA VAL A 312 34.66 10.20 -10.14
C VAL A 312 35.10 8.91 -9.46
N TYR A 313 35.74 8.02 -10.22
CA TYR A 313 36.13 6.71 -9.72
C TYR A 313 37.06 6.83 -8.53
N ARG A 314 38.14 7.59 -8.68
CA ARG A 314 39.12 7.76 -7.62
C ARG A 314 38.65 8.66 -6.49
N GLU A 315 37.50 9.32 -6.67
CA GLU A 315 37.01 10.23 -5.64
C GLU A 315 36.89 9.49 -4.31
N ASN A 316 37.17 10.21 -3.23
CA ASN A 316 37.02 9.68 -1.88
C ASN A 316 36.26 10.73 -1.07
N SER A 317 34.93 10.63 -1.09
CA SER A 317 34.04 11.50 -0.35
C SER A 317 34.64 11.93 0.98
N ASP A 318 35.10 10.95 1.77
CA ASP A 318 35.58 11.24 3.11
C ASP A 318 36.64 12.33 3.11
N VAL A 319 37.56 12.30 2.15
CA VAL A 319 38.62 13.29 2.17
C VAL A 319 38.28 14.51 1.32
N THR A 320 37.52 14.35 0.25
CA THR A 320 37.27 15.45 -0.67
C THR A 320 35.84 15.96 -0.63
N GLY A 321 34.87 15.08 -0.75
CA GLY A 321 33.48 15.46 -0.96
C GLY A 321 33.02 14.73 -2.20
N ASP A 322 31.73 14.39 -2.24
CA ASP A 322 31.18 13.60 -3.34
C ASP A 322 30.68 14.48 -4.49
N PHE A 323 31.35 15.59 -4.78
CA PHE A 323 30.87 16.48 -5.84
C PHE A 323 30.85 15.75 -7.19
N TRP A 324 32.03 15.27 -7.61
CA TRP A 324 32.11 14.60 -8.90
C TRP A 324 31.17 13.41 -8.96
N GLU A 325 31.08 12.65 -7.86
CA GLU A 325 30.12 11.54 -7.82
C GLU A 325 28.71 12.04 -8.12
N GLN A 326 28.25 13.06 -7.38
CA GLN A 326 26.88 13.52 -7.53
C GLN A 326 26.62 14.08 -8.94
N THR A 327 27.60 14.81 -9.49
CA THR A 327 27.42 15.40 -10.81
C THR A 327 27.34 14.33 -11.89
N ALA A 328 28.19 13.31 -11.80
CA ALA A 328 28.08 12.18 -12.72
C ALA A 328 26.73 11.50 -12.59
N ILE A 329 26.28 11.28 -11.35
CA ILE A 329 24.95 10.70 -11.13
C ILE A 329 23.90 11.54 -11.86
N ARG A 330 23.98 12.86 -11.68
CA ARG A 330 23.01 13.75 -12.31
C ARG A 330 22.96 13.57 -13.82
N GLY A 331 24.12 13.66 -14.47
CA GLY A 331 24.15 13.51 -15.91
C GLY A 331 23.60 12.16 -16.35
N LEU A 332 23.96 11.09 -15.65
CA LEU A 332 23.47 9.77 -16.02
C LEU A 332 21.96 9.66 -15.82
N LEU A 333 21.41 10.35 -14.82
CA LEU A 333 19.96 10.28 -14.60
C LEU A 333 19.22 11.04 -15.68
N ILE A 334 19.75 12.18 -16.11
CA ILE A 334 19.17 12.87 -17.26
C ILE A 334 19.15 11.93 -18.46
N LEU A 335 20.29 11.31 -18.75
CA LEU A 335 20.36 10.36 -19.86
C LEU A 335 19.37 9.22 -19.68
N LYS A 336 19.13 8.79 -18.44
CA LYS A 336 18.18 7.70 -18.20
C LYS A 336 16.76 8.14 -18.55
N ARG A 337 16.37 9.34 -18.09
CA ARG A 337 15.07 9.88 -18.46
C ARG A 337 14.90 9.87 -19.98
N VAL A 338 15.94 10.33 -20.68
CA VAL A 338 15.88 10.38 -22.14
C VAL A 338 15.73 8.97 -22.72
N ILE A 339 16.51 8.02 -22.19
CA ILE A 339 16.46 6.66 -22.68
C ILE A 339 15.06 6.09 -22.52
N ASN A 340 14.44 6.33 -21.36
CA ASN A 340 13.07 5.88 -21.15
C ASN A 340 12.15 6.47 -22.21
N PHE A 341 12.23 7.80 -22.41
CA PHE A 341 11.39 8.44 -23.42
C PHE A 341 11.55 7.76 -24.77
N ILE A 342 12.78 7.40 -25.14
CA ILE A 342 13.02 6.77 -26.43
C ILE A 342 12.50 5.33 -26.43
N HIS A 343 12.63 4.63 -25.31
CA HIS A 343 12.23 3.23 -25.22
C HIS A 343 10.74 3.07 -25.51
N LYS A 344 9.93 4.01 -25.04
CA LYS A 344 8.50 4.03 -25.33
C LYS A 344 8.16 5.28 -26.13
N LYS A 345 7.38 6.18 -25.53
CA LYS A 345 7.00 7.41 -26.20
C LYS A 345 6.10 8.27 -25.31
N GLY A 346 5.62 7.71 -24.21
CA GLY A 346 4.75 8.42 -23.29
C GLY A 346 3.59 7.59 -22.80
N ARG A 353 0.65 17.96 -23.58
CA ARG A 353 -0.19 16.76 -23.45
C ARG A 353 -0.46 16.15 -24.82
N SER A 354 0.55 16.20 -25.69
CA SER A 354 0.37 15.69 -27.05
C SER A 354 0.05 14.21 -27.03
N ASP A 355 -0.91 13.81 -27.86
CA ASP A 355 -1.21 12.41 -28.12
C ASP A 355 -0.61 11.94 -29.44
N LYS A 356 0.33 12.72 -29.99
CA LYS A 356 0.97 12.35 -31.26
C LYS A 356 1.91 13.43 -31.78
N LEU A 357 1.39 14.63 -32.02
CA LEU A 357 2.19 15.73 -32.55
C LEU A 357 3.49 15.97 -31.78
N THR A 358 3.40 16.05 -30.46
CA THR A 358 4.57 16.30 -29.62
C THR A 358 5.48 15.09 -29.52
N ILE A 359 4.92 13.90 -29.72
CA ILE A 359 5.70 12.66 -29.65
C ILE A 359 6.20 12.17 -31.00
N ASP A 360 5.86 12.89 -32.07
CA ASP A 360 6.29 12.50 -33.41
C ASP A 360 7.51 13.27 -33.90
N ALA A 361 7.93 14.29 -33.15
CA ALA A 361 9.07 15.10 -33.53
C ALA A 361 10.18 15.03 -32.47
N SER A 362 9.82 15.34 -31.24
CA SER A 362 10.76 15.34 -30.11
C SER A 362 11.84 14.25 -30.18
N ILE A 363 11.41 13.02 -30.37
CA ILE A 363 12.27 11.91 -30.54
C ILE A 363 13.31 12.18 -31.58
N ASN A 364 12.84 12.53 -32.75
CA ASN A 364 13.73 12.63 -33.89
C ASN A 364 14.79 13.66 -33.66
N LYS A 365 14.41 14.82 -33.09
CA LYS A 365 15.43 15.81 -32.78
C LYS A 365 16.59 15.13 -32.05
N ILE A 366 16.28 14.41 -30.98
CA ILE A 366 17.37 13.88 -30.16
C ILE A 366 18.02 12.65 -30.81
N ASN A 367 17.26 11.85 -31.54
CA ASN A 367 17.86 10.71 -32.23
C ASN A 367 18.98 11.17 -33.14
N THR A 368 18.76 12.27 -33.86
CA THR A 368 19.74 12.67 -34.87
C THR A 368 20.78 13.67 -34.35
N GLU A 369 20.44 14.47 -33.34
CA GLU A 369 21.37 15.46 -32.83
C GLU A 369 22.14 14.99 -31.60
N PHE A 370 21.92 13.76 -31.13
CA PHE A 370 22.61 13.29 -29.95
C PHE A 370 22.78 11.79 -29.96
N LEU A 371 21.68 11.06 -30.05
CA LEU A 371 21.70 9.60 -29.86
C LEU A 371 22.16 8.87 -31.13
N ASN A 372 23.39 9.17 -31.53
CA ASN A 372 24.00 8.45 -32.64
C ASN A 372 24.60 7.14 -32.12
N GLU A 373 24.73 6.17 -33.03
CA GLU A 373 25.23 4.85 -32.65
C GLU A 373 26.56 4.96 -31.91
N ASN A 374 27.49 5.75 -32.46
CA ASN A 374 28.83 5.89 -31.92
C ASN A 374 28.89 6.76 -30.68
N LEU A 375 27.74 7.20 -30.17
CA LEU A 375 27.65 7.75 -28.83
C LEU A 375 27.08 6.74 -27.84
N ILE A 376 26.04 6.00 -28.24
CA ILE A 376 25.46 5.00 -27.35
C ILE A 376 26.49 3.93 -27.00
N THR A 377 27.16 3.38 -28.02
CA THR A 377 28.14 2.34 -27.75
C THR A 377 29.34 2.90 -26.99
N ARG A 378 29.73 4.14 -27.29
CA ARG A 378 30.81 4.78 -26.56
C ARG A 378 30.48 4.91 -25.08
N LEU A 379 29.26 5.35 -24.77
CA LEU A 379 28.79 5.42 -23.39
C LEU A 379 28.85 4.05 -22.73
N VAL A 380 28.44 3.01 -23.46
CA VAL A 380 28.53 1.66 -22.93
C VAL A 380 29.96 1.33 -22.53
N ASP A 381 30.90 1.55 -23.46
CA ASP A 381 32.31 1.27 -23.16
C ASP A 381 32.76 2.01 -21.90
N THR A 382 32.41 3.30 -21.81
CA THR A 382 32.85 4.11 -20.68
C THR A 382 32.32 3.55 -19.37
N LEU A 383 31.03 3.20 -19.34
CA LEU A 383 30.45 2.62 -18.14
C LEU A 383 31.19 1.35 -17.76
N MSE A 384 31.42 0.47 -18.74
CA MSE A 384 32.07 -0.80 -18.45
C MSE A 384 33.46 -0.63 -17.87
O MSE A 384 33.86 -1.37 -16.97
CB MSE A 384 32.14 -1.66 -19.72
CG MSE A 384 30.79 -2.18 -20.18
SE MSE A 384 30.85 -3.27 -21.80
CE MSE A 384 31.79 -4.83 -21.09
H MSE A 384 31.21 0.59 -19.56
HA MSE A 384 31.53 -1.27 -17.81
HB2 MSE A 384 32.52 -1.13 -20.44
HB3 MSE A 384 32.72 -2.43 -19.54
HG2 MSE A 384 30.41 -2.73 -19.48
HG3 MSE A 384 30.21 -1.42 -20.36
HE1 MSE A 384 31.92 -5.48 -21.81
HE2 MSE A 384 32.66 -4.55 -20.73
HE3 MSE A 384 31.26 -5.23 -20.38
N GLU A 385 34.21 0.36 -18.36
CA GLU A 385 35.56 0.49 -17.81
C GLU A 385 35.55 1.17 -16.43
N TRP A 386 34.84 2.30 -16.31
CA TRP A 386 35.05 3.16 -15.15
C TRP A 386 33.93 3.16 -14.13
N TYR A 387 32.68 2.90 -14.53
CA TYR A 387 31.57 3.11 -13.61
C TYR A 387 31.00 1.82 -13.04
N LEU A 388 31.08 0.71 -13.77
CA LEU A 388 30.69 -0.56 -13.18
C LEU A 388 31.76 -1.12 -12.26
N ARG A 389 32.99 -0.62 -12.36
CA ARG A 389 34.07 -1.15 -11.54
C ARG A 389 33.87 -0.80 -10.06
N LEU A 390 34.07 -1.80 -9.20
CA LEU A 390 34.16 -1.54 -7.77
C LEU A 390 35.14 -0.41 -7.52
N ARG A 391 34.65 0.65 -6.90
CA ARG A 391 35.51 1.79 -6.64
C ARG A 391 36.50 1.47 -5.53
N PRO A 392 37.67 2.11 -5.55
CA PRO A 392 38.65 1.83 -4.47
C PRO A 392 38.04 2.02 -3.09
N THR A 393 37.34 3.14 -2.90
CA THR A 393 36.73 3.43 -1.60
C THR A 393 35.81 2.29 -1.17
N GLU A 394 35.09 1.71 -2.12
CA GLU A 394 34.19 0.61 -1.77
C GLU A 394 34.95 -0.61 -1.30
N LEU A 395 36.09 -0.90 -1.92
CA LEU A 395 36.91 -2.01 -1.46
C LEU A 395 37.48 -1.73 -0.07
N GLU A 396 37.89 -0.48 0.19
CA GLU A 396 38.39 -0.15 1.52
C GLU A 396 37.30 -0.32 2.57
N ASN A 397 36.08 0.14 2.29
CA ASN A 397 35.00 -0.01 3.25
C ASN A 397 34.65 -1.48 3.46
N TRP A 398 34.48 -2.23 2.36
CA TRP A 398 34.29 -3.67 2.46
C TRP A 398 35.22 -4.28 3.50
N PHE A 399 36.52 -3.98 3.41
CA PHE A 399 37.50 -4.58 4.28
C PHE A 399 37.15 -4.36 5.76
N MSE A 400 37.01 -3.11 6.16
CA MSE A 400 36.90 -2.78 7.58
C MSE A 400 35.61 -3.20 8.26
O MSE A 400 35.64 -3.78 9.35
CB MSE A 400 37.10 -1.28 7.79
CG MSE A 400 38.49 -0.78 7.39
SE MSE A 400 38.72 1.15 7.65
CE MSE A 400 37.55 1.79 6.25
H MSE A 400 36.97 -2.41 5.63
HA MSE A 400 37.61 -3.29 8.00
HB2 MSE A 400 36.44 -0.80 7.26
HB3 MSE A 400 36.97 -1.08 8.73
HG2 MSE A 400 39.15 -1.24 7.93
HG3 MSE A 400 38.63 -0.97 6.45
HE1 MSE A 400 37.54 2.76 6.25
HE2 MSE A 400 37.87 1.47 5.39
HE3 MSE A 400 36.65 1.46 6.40
N ASP A 401 34.47 -2.93 7.63
CA ASP A 401 33.16 -3.28 8.18
C ASP A 401 32.28 -3.77 7.04
N PRO A 402 32.41 -5.04 6.66
CA PRO A 402 31.62 -5.55 5.52
C PRO A 402 30.13 -5.56 5.78
N GLU A 403 29.74 -6.05 6.96
CA GLU A 403 28.31 -6.19 7.25
C GLU A 403 27.59 -4.86 7.07
N GLU A 404 28.18 -3.76 7.52
CA GLU A 404 27.55 -2.47 7.35
C GLU A 404 27.65 -2.00 5.91
N TRP A 405 28.72 -2.39 5.20
CA TRP A 405 28.82 -2.05 3.78
C TRP A 405 27.62 -2.58 3.01
N ILE A 406 27.14 -3.78 3.36
CA ILE A 406 25.94 -4.28 2.68
C ILE A 406 24.64 -3.93 3.40
N ASN A 407 24.68 -3.66 4.71
CA ASN A 407 23.49 -3.13 5.37
C ASN A 407 23.03 -1.86 4.68
N GLU A 408 23.98 -0.96 4.38
CA GLU A 408 23.65 0.23 3.60
C GLU A 408 23.06 -0.13 2.25
N GLN A 409 23.47 -1.24 1.66
CA GLN A 409 22.98 -1.64 0.35
C GLN A 409 21.67 -2.42 0.41
N MSE A 410 21.27 -2.92 1.58
CA MSE A 410 19.91 -3.47 1.73
C MSE A 410 18.94 -2.39 1.23
O MSE A 410 17.87 -2.69 0.69
CB MSE A 410 19.62 -3.88 3.17
CG MSE A 410 20.55 -5.00 3.69
SE MSE A 410 20.50 -6.71 2.73
CE MSE A 410 21.73 -7.75 3.87
H MSE A 410 21.75 -2.96 2.28
HA MSE A 410 19.81 -4.29 1.23
HB2 MSE A 410 19.74 -3.11 3.74
HB3 MSE A 410 18.72 -4.21 3.22
HG2 MSE A 410 21.47 -4.68 3.65
HG3 MSE A 410 20.31 -5.19 4.61
HE1 MSE A 410 22.02 -8.54 3.38
HE2 MSE A 410 22.52 -7.20 4.07
HE3 MSE A 410 21.28 -8.01 4.68
N ALA A 411 19.31 -1.11 1.42
CA ALA A 411 18.56 0.00 0.85
C ALA A 411 19.35 0.66 -0.28
N THR A 412 19.89 -0.16 -1.19
CA THR A 412 20.65 0.35 -2.32
C THR A 412 19.86 1.42 -3.05
N SER A 413 20.13 2.69 -2.74
CA SER A 413 19.47 3.82 -3.37
C SER A 413 20.30 4.24 -4.56
N TYR A 414 19.98 3.71 -5.74
CA TYR A 414 20.81 3.99 -6.92
C TYR A 414 20.90 5.48 -7.19
N GLU A 415 19.87 6.23 -6.81
CA GLU A 415 19.85 7.67 -7.08
C GLU A 415 20.88 8.44 -6.27
N TYR A 416 21.54 7.81 -5.28
CA TYR A 416 22.51 8.50 -4.46
C TYR A 416 23.90 7.85 -4.50
N GLN A 417 24.10 6.83 -5.35
CA GLN A 417 25.35 6.09 -5.41
C GLN A 417 25.75 5.91 -6.86
N ILE A 418 27.02 6.18 -7.18
CA ILE A 418 27.41 6.26 -8.58
C ILE A 418 27.42 4.88 -9.22
N ARG A 419 28.02 3.88 -8.55
CA ARG A 419 28.11 2.57 -9.19
C ARG A 419 26.75 1.94 -9.37
N PRO A 420 25.86 1.93 -8.37
CA PRO A 420 24.48 1.47 -8.62
C PRO A 420 23.78 2.24 -9.72
N CYS A 421 23.86 3.58 -9.66
CA CYS A 421 23.28 4.40 -10.72
C CYS A 421 23.76 3.91 -12.09
N ALA A 422 25.07 3.72 -12.23
CA ALA A 422 25.64 3.32 -13.50
C ALA A 422 25.16 1.94 -13.92
N GLU A 423 25.12 1.00 -12.97
CA GLU A 423 24.54 -0.31 -13.26
C GLU A 423 23.15 -0.17 -13.85
N ASN A 424 22.32 0.70 -13.25
CA ASN A 424 20.94 0.86 -13.69
C ASN A 424 20.88 1.49 -15.09
N VAL A 425 21.66 2.56 -15.31
CA VAL A 425 21.62 3.22 -16.61
C VAL A 425 22.15 2.28 -17.69
N PHE A 426 23.20 1.53 -17.39
CA PHE A 426 23.72 0.56 -18.34
C PHE A 426 22.65 -0.47 -18.71
N GLN A 427 21.93 -0.98 -17.70
CA GLN A 427 20.89 -1.96 -17.99
C GLN A 427 19.80 -1.35 -18.86
N ASP A 428 19.42 -0.10 -18.59
CA ASP A 428 18.46 0.57 -19.46
C ASP A 428 18.99 0.66 -20.89
N LEU A 429 20.27 0.98 -21.04
CA LEU A 429 20.87 1.07 -22.37
C LEU A 429 20.77 -0.27 -23.09
N MSE A 430 21.15 -1.34 -22.41
CA MSE A 430 21.17 -2.65 -23.05
C MSE A 430 19.76 -3.09 -23.45
O MSE A 430 19.58 -3.74 -24.49
CB MSE A 430 21.78 -3.72 -22.13
CG MSE A 430 23.24 -3.50 -21.82
SE MSE A 430 24.38 -3.53 -23.44
CE MSE A 430 24.11 -5.39 -23.95
H MSE A 430 21.41 -1.34 -21.60
HA MSE A 430 21.72 -2.59 -23.84
HB2 MSE A 430 21.30 -3.72 -21.29
HB3 MSE A 430 21.69 -4.59 -22.56
HG2 MSE A 430 23.35 -2.64 -21.39
HG3 MSE A 430 23.55 -4.21 -21.22
HE1 MSE A 430 24.59 -5.56 -24.79
HE2 MSE A 430 24.47 -5.97 -23.25
HE3 MSE A 430 23.16 -5.56 -24.06
N ASN A 431 18.77 -2.76 -22.62
CA ASN A 431 17.41 -3.15 -22.93
C ASN A 431 16.74 -2.26 -23.97
N THR A 432 17.21 -1.02 -24.14
CA THR A 432 16.61 -0.14 -25.12
C THR A 432 17.18 -0.39 -26.51
N PHE A 433 18.31 -1.02 -26.63
CA PHE A 433 18.74 -1.29 -27.98
C PHE A 433 19.16 -2.71 -28.15
N SER A 434 19.01 -3.23 -29.35
CA SER A 434 19.64 -4.48 -29.71
C SER A 434 21.01 -4.18 -30.23
N GLU A 435 21.94 -4.04 -29.29
CA GLU A 435 23.31 -3.80 -29.62
C GLU A 435 24.15 -4.85 -29.03
N LEU A 436 24.01 -6.03 -29.59
CA LEU A 436 24.80 -7.11 -29.15
C LEU A 436 26.25 -6.79 -29.37
N LEU A 437 26.92 -6.36 -28.32
CA LEU A 437 28.34 -6.16 -28.33
C LEU A 437 28.81 -7.16 -27.32
N VAL A 438 28.35 -8.40 -27.43
CA VAL A 438 28.72 -9.45 -26.58
C VAL A 438 30.17 -9.72 -26.86
N PRO A 439 30.62 -9.69 -28.15
CA PRO A 439 32.04 -9.91 -28.39
C PRO A 439 32.95 -8.95 -27.67
N TYR A 440 32.54 -7.69 -27.51
CA TYR A 440 33.26 -6.78 -26.70
C TYR A 440 33.39 -7.56 -25.45
N LEU A 441 32.40 -8.34 -25.05
CA LEU A 441 32.82 -9.05 -23.84
C LEU A 441 33.72 -10.24 -24.19
N LEU A 442 33.37 -10.99 -25.23
CA LEU A 442 34.24 -12.11 -25.63
C LEU A 442 35.66 -11.62 -25.85
N LYS A 443 35.81 -10.52 -26.59
CA LYS A 443 37.13 -10.05 -26.98
C LYS A 443 37.83 -9.25 -25.88
N LYS A 444 37.10 -8.68 -24.91
CA LYS A 444 37.74 -8.07 -23.76
C LYS A 444 38.02 -9.08 -22.65
N ILE A 445 37.37 -10.24 -22.68
CA ILE A 445 37.87 -11.41 -21.98
C ILE A 445 39.20 -11.84 -22.58
N GLU A 446 39.24 -11.93 -23.91
CA GLU A 446 40.48 -12.32 -24.59
C GLU A 446 41.59 -11.28 -24.40
N ASN A 447 41.22 -10.01 -24.20
CA ASN A 447 42.22 -8.95 -24.20
C ASN A 447 42.54 -8.40 -22.82
N ASP A 448 41.68 -7.51 -22.30
CA ASP A 448 42.01 -6.72 -21.12
C ASP A 448 41.70 -7.42 -19.81
N ALA A 449 40.72 -8.33 -19.79
CA ALA A 449 40.60 -9.23 -18.65
C ALA A 449 41.76 -10.22 -18.62
N SER A 450 42.34 -10.52 -19.78
CA SER A 450 43.55 -11.34 -19.89
C SER A 450 44.77 -10.52 -19.51
N LYS A 451 44.74 -9.98 -18.29
CA LYS A 451 45.83 -9.17 -17.76
C LYS A 451 45.92 -9.43 -16.27
N LEU A 452 46.95 -8.85 -15.65
CA LEU A 452 47.19 -8.95 -14.21
C LEU A 452 46.56 -10.19 -13.60
N SER A 453 45.37 -10.04 -12.99
CA SER A 453 44.72 -11.15 -12.29
C SER A 453 45.63 -11.68 -11.17
N ASN A 454 46.33 -10.76 -10.51
CA ASN A 454 47.31 -11.02 -9.47
C ASN A 454 47.45 -9.66 -8.78
N SER A 455 47.81 -8.66 -9.59
CA SER A 455 47.54 -7.26 -9.27
C SER A 455 46.09 -6.92 -9.63
N LEU A 456 45.55 -5.93 -8.92
CA LEU A 456 44.10 -5.81 -8.85
C LEU A 456 43.46 -5.23 -10.11
N ASP A 457 44.04 -4.17 -10.68
CA ASP A 457 43.25 -3.32 -11.58
C ASP A 457 42.58 -4.11 -12.70
N ASP A 458 43.30 -5.02 -13.34
CA ASP A 458 42.71 -5.79 -14.43
C ASP A 458 41.94 -7.01 -13.93
N PHE A 459 41.85 -7.20 -12.62
CA PHE A 459 40.87 -8.11 -12.01
C PHE A 459 39.57 -7.37 -11.73
N LEU A 460 39.67 -6.12 -11.27
CA LEU A 460 38.50 -5.28 -11.08
C LEU A 460 37.83 -4.95 -12.40
N ARG A 461 38.63 -4.67 -13.44
CA ARG A 461 38.09 -4.54 -14.78
C ARG A 461 37.31 -5.78 -15.18
N LYS A 462 37.85 -6.95 -14.87
CA LYS A 462 37.15 -8.20 -15.18
C LYS A 462 35.85 -8.29 -14.39
N ASP A 463 35.87 -7.84 -13.15
CA ASP A 463 34.65 -7.83 -12.36
C ASP A 463 33.59 -6.93 -12.99
N ALA A 464 34.02 -5.80 -13.55
CA ALA A 464 33.08 -4.92 -14.25
C ALA A 464 32.56 -5.56 -15.52
N ILE A 465 33.42 -6.30 -16.23
CA ILE A 465 32.97 -7.04 -17.41
C ILE A 465 31.90 -8.05 -17.03
N TYR A 466 32.16 -8.84 -15.99
CA TYR A 466 31.14 -9.76 -15.51
C TYR A 466 29.90 -9.00 -15.03
N ALA A 467 30.08 -7.81 -14.47
CA ALA A 467 28.92 -7.00 -14.05
C ALA A 467 28.05 -6.65 -15.24
N SER A 468 28.67 -6.31 -16.37
CA SER A 468 27.91 -6.03 -17.59
C SER A 468 27.18 -7.28 -18.06
N PHE A 469 27.85 -8.43 -18.00
CA PHE A 469 27.18 -9.68 -18.35
C PHE A 469 25.94 -9.90 -17.49
N GLN A 470 26.11 -9.75 -16.17
CA GLN A 470 25.00 -9.80 -15.24
C GLN A 470 23.88 -8.87 -15.67
N LEU A 471 24.20 -7.60 -15.89
CA LEU A 471 23.18 -6.59 -16.13
C LEU A 471 22.39 -6.87 -17.40
N SER A 472 23.06 -7.38 -18.44
CA SER A 472 22.40 -7.61 -19.71
C SER A 472 21.62 -8.93 -19.76
N ALA A 473 21.36 -9.55 -18.61
CA ALA A 473 20.64 -10.82 -18.60
C ALA A 473 19.30 -10.71 -19.33
N SER A 474 18.58 -9.62 -19.10
CA SER A 474 17.25 -9.45 -19.68
C SER A 474 17.27 -9.14 -21.18
N ALA A 475 18.45 -8.97 -21.76
CA ALA A 475 18.57 -8.61 -23.17
C ALA A 475 19.13 -9.72 -24.04
N VAL A 476 20.18 -10.40 -23.60
CA VAL A 476 20.89 -11.33 -24.47
C VAL A 476 20.85 -12.75 -23.94
N SER A 477 19.66 -13.22 -23.56
CA SER A 477 19.49 -14.61 -23.19
C SER A 477 19.33 -15.51 -24.40
N GLU A 478 18.89 -14.97 -25.53
CA GLU A 478 18.73 -15.75 -26.75
C GLU A 478 20.04 -15.94 -27.48
N MSE A 479 21.06 -15.16 -27.15
CA MSE A 479 22.35 -15.22 -27.83
C MSE A 479 23.43 -15.89 -27.00
O MSE A 479 24.57 -16.04 -27.44
CB MSE A 479 22.83 -13.80 -28.18
CG MSE A 479 21.85 -13.02 -29.03
SE MSE A 479 21.70 -13.79 -30.82
CE MSE A 479 20.05 -14.78 -30.60
H MSE A 479 21.03 -14.58 -26.51
HA MSE A 479 22.22 -15.72 -28.65
HB2 MSE A 479 22.97 -13.30 -27.37
HB3 MSE A 479 23.66 -13.86 -28.69
HG2 MSE A 479 20.97 -13.04 -28.62
HG3 MSE A 479 22.15 -12.10 -29.12
HE1 MSE A 479 19.50 -14.66 -31.40
HE2 MSE A 479 20.25 -15.72 -30.48
HE3 MSE A 479 19.57 -14.44 -29.83
N VAL A 480 23.05 -16.32 -25.79
CA VAL A 480 24.01 -16.78 -24.80
C VAL A 480 23.55 -18.12 -24.23
N ASP A 481 24.48 -19.08 -24.16
CA ASP A 481 24.22 -20.39 -23.58
C ASP A 481 24.65 -20.34 -22.11
N PHE A 482 23.76 -19.80 -21.27
CA PHE A 482 24.12 -19.65 -19.87
C PHE A 482 24.29 -20.99 -19.18
N ASP A 483 23.40 -21.95 -19.43
CA ASP A 483 23.56 -23.27 -18.84
C ASP A 483 24.98 -23.77 -19.03
N ARG A 484 25.49 -23.70 -20.26
CA ARG A 484 26.89 -23.97 -20.51
C ARG A 484 27.76 -23.12 -19.59
N LEU A 485 27.67 -21.80 -19.71
CA LEU A 485 28.61 -20.90 -19.06
C LEU A 485 28.75 -21.16 -17.57
N LEU A 486 27.64 -21.51 -16.90
CA LEU A 486 27.69 -21.73 -15.46
C LEU A 486 28.71 -22.82 -15.11
N ILE A 487 28.62 -23.97 -15.78
CA ILE A 487 29.57 -25.05 -15.54
C ILE A 487 30.90 -24.77 -16.21
N GLN A 488 30.88 -24.05 -17.33
CA GLN A 488 32.08 -23.81 -18.11
C GLN A 488 32.97 -22.77 -17.44
N VAL A 489 32.38 -21.66 -17.02
CA VAL A 489 33.15 -20.48 -16.60
C VAL A 489 32.97 -20.21 -15.09
N PHE A 490 31.74 -19.95 -14.66
CA PHE A 490 31.53 -19.26 -13.39
C PHE A 490 31.72 -20.17 -12.18
N LEU A 491 31.20 -21.40 -12.23
CA LEU A 491 31.47 -22.32 -11.13
C LEU A 491 32.98 -22.51 -10.92
N PRO A 492 33.79 -22.69 -11.97
CA PRO A 492 35.25 -22.61 -11.80
C PRO A 492 35.70 -21.35 -11.07
N GLU A 493 35.36 -20.16 -11.60
CA GLU A 493 35.75 -18.91 -10.95
C GLU A 493 35.48 -18.98 -9.45
N ALA A 494 34.25 -19.37 -9.08
CA ALA A 494 33.82 -19.31 -7.69
C ALA A 494 34.42 -20.42 -6.83
N THR A 495 35.00 -21.46 -7.42
CA THR A 495 35.71 -22.48 -6.65
C THR A 495 37.23 -22.40 -6.83
N ASN A 496 37.71 -21.66 -7.82
CA ASN A 496 39.13 -21.41 -8.05
C ASN A 496 39.90 -21.21 -6.75
N THR A 497 41.02 -21.91 -6.63
CA THR A 497 41.84 -21.85 -5.42
C THR A 497 43.16 -21.12 -5.63
N ASN A 498 43.34 -20.42 -6.75
CA ASN A 498 44.61 -19.78 -7.05
C ASN A 498 44.53 -18.26 -6.97
N ILE A 499 43.69 -17.71 -6.10
CA ILE A 499 43.56 -16.26 -6.00
C ILE A 499 43.51 -15.81 -4.55
N SER A 500 44.06 -14.62 -4.33
CA SER A 500 44.35 -14.01 -3.05
C SER A 500 43.53 -14.45 -1.85
N GLY A 501 42.23 -14.55 -2.01
CA GLY A 501 41.37 -14.58 -0.85
C GLY A 501 40.41 -13.42 -0.95
N ASP A 502 40.94 -12.19 -1.00
CA ASP A 502 40.11 -11.03 -1.34
C ASP A 502 39.55 -11.21 -2.76
N GLU A 503 40.42 -11.33 -3.75
CA GLU A 503 40.02 -11.58 -5.13
C GLU A 503 38.94 -12.67 -5.14
N LEU A 504 39.12 -13.70 -4.31
CA LEU A 504 38.09 -14.74 -4.19
C LEU A 504 36.77 -14.14 -3.76
N ARG A 505 36.78 -13.34 -2.68
CA ARG A 505 35.54 -12.71 -2.21
C ARG A 505 34.87 -11.91 -3.32
N ILE A 506 35.65 -11.09 -4.02
CA ILE A 506 35.10 -10.26 -5.09
C ILE A 506 34.41 -11.13 -6.13
N ILE A 507 35.13 -12.09 -6.70
CA ILE A 507 34.58 -12.85 -7.81
C ILE A 507 33.43 -13.73 -7.32
N ARG A 508 33.44 -14.11 -6.05
CA ARG A 508 32.40 -14.97 -5.50
C ARG A 508 31.10 -14.20 -5.36
N ARG A 509 31.16 -13.02 -4.73
CA ARG A 509 30.03 -12.10 -4.75
C ARG A 509 29.52 -11.89 -6.18
N ARG A 510 30.44 -11.68 -7.12
CA ARG A 510 30.02 -11.36 -8.48
C ARG A 510 29.30 -12.53 -9.12
N VAL A 511 29.79 -13.75 -8.92
CA VAL A 511 29.13 -14.92 -9.47
C VAL A 511 27.75 -15.08 -8.85
N ALA A 512 27.65 -14.86 -7.54
CA ALA A 512 26.33 -14.90 -6.90
C ALA A 512 25.38 -13.92 -7.59
N LEU A 513 25.83 -12.69 -7.81
CA LEU A 513 24.97 -11.69 -8.45
C LEU A 513 24.58 -12.10 -9.88
N ILE A 514 25.54 -12.64 -10.64
CA ILE A 514 25.24 -13.12 -11.99
C ILE A 514 24.14 -14.18 -11.93
N ILE A 515 24.33 -15.18 -11.07
CA ILE A 515 23.33 -16.23 -10.92
C ILE A 515 21.98 -15.60 -10.57
N ASN A 516 22.00 -14.58 -9.72
CA ASN A 516 20.76 -13.92 -9.34
C ASN A 516 20.02 -13.41 -10.56
N GLU A 517 20.70 -12.60 -11.38
CA GLU A 517 20.00 -12.00 -12.51
C GLU A 517 19.62 -13.03 -13.58
N TRP A 518 20.42 -14.09 -13.74
CA TRP A 518 20.16 -15.02 -14.83
C TRP A 518 19.25 -16.18 -14.44
N SER A 519 19.05 -16.42 -13.15
CA SER A 519 18.21 -17.54 -12.74
C SER A 519 16.74 -17.34 -13.11
N THR A 520 16.32 -16.09 -13.30
CA THR A 520 14.95 -15.78 -13.67
C THR A 520 14.79 -15.58 -15.18
N VAL A 521 15.74 -16.06 -15.96
CA VAL A 521 15.64 -16.08 -17.41
C VAL A 521 16.15 -17.44 -17.89
N LYS A 522 16.91 -17.47 -18.97
CA LYS A 522 17.53 -18.71 -19.43
C LYS A 522 18.35 -19.29 -18.28
N CYS A 523 17.91 -20.43 -17.75
CA CYS A 523 18.63 -21.09 -16.65
C CYS A 523 17.98 -22.42 -16.29
N SER A 524 18.56 -23.53 -16.75
CA SER A 524 18.02 -24.85 -16.47
C SER A 524 17.89 -25.07 -14.97
N GLU A 525 16.90 -25.87 -14.58
CA GLU A 525 16.76 -26.24 -13.18
C GLU A 525 17.98 -27.00 -12.68
N GLU A 526 18.67 -27.71 -13.57
CA GLU A 526 19.92 -28.37 -13.20
C GLU A 526 20.98 -27.35 -12.80
N SER A 527 21.17 -26.34 -13.66
CA SER A 527 22.04 -25.23 -13.28
C SER A 527 21.61 -24.65 -11.94
N LYS A 528 20.29 -24.60 -11.69
CA LYS A 528 19.80 -24.06 -10.42
C LYS A 528 20.19 -24.96 -9.25
N SER A 529 20.19 -26.28 -9.44
CA SER A 529 20.65 -27.17 -8.37
C SER A 529 22.13 -26.94 -8.10
N LEU A 530 22.92 -26.80 -9.16
CA LEU A 530 24.32 -26.45 -9.00
C LEU A 530 24.46 -25.17 -8.18
N CYS A 531 23.65 -24.16 -8.50
CA CYS A 531 23.75 -22.89 -7.80
C CYS A 531 23.33 -23.04 -6.34
N TYR A 532 22.29 -23.82 -6.08
CA TYR A 532 21.89 -24.09 -4.70
C TYR A 532 23.07 -24.67 -3.93
N LYS A 533 23.76 -25.65 -4.52
CA LYS A 533 24.93 -26.23 -3.87
C LYS A 533 26.01 -25.19 -3.65
N LEU A 534 26.30 -24.39 -4.68
CA LEU A 534 27.34 -23.38 -4.58
C LEU A 534 27.08 -22.44 -3.42
N PHE A 535 25.84 -21.95 -3.32
CA PHE A 535 25.48 -21.01 -2.27
C PHE A 535 25.46 -21.67 -0.91
N THR A 536 25.07 -22.95 -0.83
CA THR A 536 25.23 -23.67 0.43
C THR A 536 26.71 -23.73 0.82
N ASN A 537 27.59 -23.95 -0.16
CA ASN A 537 29.02 -23.99 0.13
C ASN A 537 29.50 -22.63 0.62
N PHE A 538 29.07 -21.55 -0.02
CA PHE A 538 29.38 -20.22 0.49
C PHE A 538 28.93 -20.09 1.94
N LEU A 539 27.65 -20.37 2.20
CA LEU A 539 27.08 -20.22 3.54
C LEU A 539 27.83 -21.07 4.56
N THR A 540 28.35 -22.21 4.15
CA THR A 540 29.06 -23.09 5.08
C THR A 540 30.48 -22.61 5.33
N ASP A 541 31.16 -22.17 4.27
CA ASP A 541 32.58 -21.88 4.30
C ASP A 541 32.90 -20.41 4.55
N GLU A 542 32.32 -19.52 3.75
CA GLU A 542 32.73 -18.13 3.76
C GLU A 542 32.39 -17.46 5.07
N ASP A 543 33.31 -16.63 5.55
CA ASP A 543 33.06 -15.74 6.67
C ASP A 543 32.82 -14.30 6.24
N ASP A 544 33.24 -13.94 5.03
CA ASP A 544 32.99 -12.60 4.53
C ASP A 544 31.49 -12.35 4.48
N LYS A 545 31.04 -11.31 5.17
CA LYS A 545 29.61 -11.07 5.30
C LYS A 545 29.01 -10.48 4.05
N VAL A 546 29.80 -9.81 3.21
CA VAL A 546 29.29 -9.36 1.92
C VAL A 546 28.92 -10.56 1.06
N VAL A 547 29.82 -11.54 0.97
CA VAL A 547 29.54 -12.74 0.19
C VAL A 547 28.37 -13.49 0.81
N LEU A 548 28.36 -13.60 2.14
CA LEU A 548 27.28 -14.32 2.80
C LEU A 548 25.93 -13.70 2.49
N LEU A 549 25.82 -12.37 2.63
CA LEU A 549 24.53 -11.71 2.45
C LEU A 549 24.14 -11.65 0.99
N THR A 550 25.10 -11.38 0.09
CA THR A 550 24.82 -11.50 -1.33
C THR A 550 24.25 -12.88 -1.65
N THR A 551 24.89 -13.92 -1.12
CA THR A 551 24.37 -15.27 -1.27
C THR A 551 22.95 -15.37 -0.76
N VAL A 552 22.71 -14.91 0.46
CA VAL A 552 21.38 -14.99 1.06
C VAL A 552 20.34 -14.39 0.12
N GLN A 553 20.63 -13.20 -0.39
CA GLN A 553 19.68 -12.49 -1.26
C GLN A 553 19.46 -13.26 -2.56
N THR A 554 20.52 -13.84 -3.12
CA THR A 554 20.38 -14.58 -4.37
C THR A 554 19.56 -15.85 -4.16
N VAL A 555 19.81 -16.53 -3.03
CA VAL A 555 18.99 -17.69 -2.67
C VAL A 555 17.54 -17.28 -2.54
N ARG A 556 17.28 -16.21 -1.79
CA ARG A 556 15.91 -15.72 -1.62
C ARG A 556 15.26 -15.48 -2.98
N THR A 557 15.92 -14.72 -3.85
CA THR A 557 15.29 -14.36 -5.12
C THR A 557 15.08 -15.59 -6.00
N MSE A 558 15.90 -16.62 -5.86
CA MSE A 558 15.63 -17.85 -6.59
C MSE A 558 14.45 -18.61 -6.00
O MSE A 558 13.75 -19.34 -6.70
CB MSE A 558 16.85 -18.76 -6.60
CG MSE A 558 18.01 -18.22 -7.39
SE MSE A 558 19.59 -19.36 -7.17
CE MSE A 558 19.06 -20.84 -8.33
H MSE A 558 16.60 -16.63 -5.36
HA MSE A 558 15.43 -17.60 -7.51
HB2 MSE A 558 17.16 -18.89 -5.68
HB3 MSE A 558 16.60 -19.61 -6.99
HG2 MSE A 558 17.77 -18.18 -8.32
HG3 MSE A 558 18.23 -17.33 -7.06
HE1 MSE A 558 19.56 -21.63 -8.08
HE2 MSE A 558 18.10 -21.01 -8.22
HE3 MSE A 558 19.25 -20.60 -9.25
N VAL A 559 14.25 -18.45 -4.70
CA VAL A 559 13.12 -19.09 -4.03
C VAL A 559 11.82 -18.35 -4.32
N ASP A 560 11.86 -17.02 -4.29
CA ASP A 560 10.69 -16.22 -4.63
C ASP A 560 10.47 -16.12 -6.14
N ASP A 561 11.30 -16.80 -6.95
CA ASP A 561 11.04 -16.84 -8.39
C ASP A 561 9.70 -17.51 -8.66
N TRP A 562 8.95 -16.98 -9.62
CA TRP A 562 7.67 -17.58 -9.97
C TRP A 562 7.85 -19.01 -10.48
N ASN A 563 8.96 -19.30 -11.16
CA ASN A 563 9.25 -20.62 -11.70
C ASN A 563 10.16 -21.44 -10.79
N PHE A 564 10.06 -21.21 -9.47
CA PHE A 564 10.90 -21.91 -8.50
C PHE A 564 10.39 -23.33 -8.33
N ASN A 565 11.11 -24.28 -8.90
CA ASN A 565 10.75 -25.69 -8.78
C ASN A 565 11.27 -26.21 -7.43
N LYS A 566 10.39 -26.15 -6.42
CA LYS A 566 10.80 -26.47 -5.06
C LYS A 566 11.45 -27.84 -4.95
N ASP A 567 11.05 -28.80 -5.78
CA ASP A 567 11.62 -30.14 -5.70
C ASP A 567 13.15 -30.08 -5.77
N THR A 568 13.68 -29.24 -6.66
CA THR A 568 15.12 -29.18 -6.87
C THR A 568 15.86 -28.53 -5.70
N PHE A 569 15.14 -27.90 -4.76
CA PHE A 569 15.76 -27.18 -3.66
C PHE A 569 15.67 -27.92 -2.33
N GLN A 570 14.90 -28.99 -2.25
CA GLN A 570 14.70 -29.65 -0.97
C GLN A 570 15.90 -30.47 -0.50
N PRO A 571 16.92 -30.72 -1.34
CA PRO A 571 18.17 -31.26 -0.77
C PRO A 571 18.82 -30.23 0.14
N PHE A 572 19.01 -29.03 -0.39
CA PHE A 572 19.71 -27.96 0.30
C PHE A 572 18.85 -27.28 1.35
N LEU A 573 17.54 -27.58 1.40
CA LEU A 573 16.65 -26.86 2.29
C LEU A 573 17.12 -26.94 3.73
N THR A 574 17.17 -28.15 4.28
CA THR A 574 17.54 -28.36 5.67
C THR A 574 18.78 -27.54 6.03
N GLU A 575 19.87 -27.80 5.32
CA GLU A 575 21.12 -27.14 5.61
C GLU A 575 20.99 -25.62 5.57
N ASN A 576 20.36 -25.09 4.51
CA ASN A 576 20.35 -23.64 4.32
C ASN A 576 19.55 -22.96 5.42
N VAL A 577 18.41 -23.53 5.80
CA VAL A 577 17.70 -22.94 6.94
C VAL A 577 18.59 -22.99 8.17
N HIS A 578 19.26 -24.13 8.40
CA HIS A 578 20.14 -24.24 9.56
C HIS A 578 21.18 -23.13 9.54
N LEU A 579 21.77 -22.86 8.38
CA LEU A 579 22.88 -21.92 8.31
C LEU A 579 22.39 -20.49 8.51
N LEU A 580 21.22 -20.17 7.96
CA LEU A 580 20.61 -18.87 8.24
C LEU A 580 20.34 -18.71 9.73
N LEU A 581 19.96 -19.80 10.40
CA LEU A 581 19.58 -19.73 11.80
C LEU A 581 20.79 -19.68 12.73
N ARG A 582 21.85 -20.40 12.37
CA ARG A 582 22.98 -20.68 13.23
C ARG A 582 24.17 -19.79 12.95
N LYS A 583 24.44 -19.50 11.67
CA LYS A 583 25.54 -18.61 11.34
C LYS A 583 25.04 -17.19 11.09
N ILE A 584 24.27 -17.01 10.02
CA ILE A 584 23.94 -15.67 9.54
C ILE A 584 23.25 -14.86 10.61
N LEU A 585 21.99 -15.18 10.91
CA LEU A 585 21.20 -14.34 11.80
C LEU A 585 21.90 -14.02 13.11
N PRO A 586 22.65 -14.94 13.73
CA PRO A 586 23.45 -14.54 14.90
C PRO A 586 24.57 -13.56 14.57
N SER A 587 25.31 -13.84 13.50
CA SER A 587 26.48 -13.03 13.19
C SER A 587 26.11 -11.61 12.77
N VAL A 588 24.96 -11.43 12.14
CA VAL A 588 24.52 -10.09 11.77
C VAL A 588 23.99 -9.38 13.01
N SER A 589 24.24 -8.07 13.10
CA SER A 589 23.82 -7.28 14.26
C SER A 589 23.29 -5.92 13.85
N LEU A 590 22.77 -5.79 12.64
CA LEU A 590 22.18 -4.55 12.15
C LEU A 590 20.71 -4.80 11.89
N THR A 591 19.87 -3.96 12.48
CA THR A 591 18.44 -4.25 12.59
C THR A 591 17.85 -4.79 11.30
N GLU A 592 17.92 -4.02 10.21
CA GLU A 592 17.22 -4.41 9.00
C GLU A 592 17.90 -5.56 8.26
N THR A 593 19.16 -5.88 8.56
CA THR A 593 19.74 -7.12 8.04
C THR A 593 19.14 -8.33 8.74
N ARG A 594 18.94 -8.25 10.05
CA ARG A 594 18.17 -9.27 10.76
C ARG A 594 16.77 -9.38 10.17
N LEU A 595 16.13 -8.23 9.94
CA LEU A 595 14.81 -8.23 9.31
C LEU A 595 14.85 -8.95 7.98
N TYR A 596 15.89 -8.72 7.18
CA TYR A 596 16.02 -9.36 5.89
C TYR A 596 16.15 -10.86 6.03
N VAL A 597 16.91 -11.31 7.04
CA VAL A 597 17.12 -12.75 7.22
C VAL A 597 15.85 -13.41 7.72
N LEU A 598 15.16 -12.78 8.68
CA LEU A 598 13.88 -13.31 9.13
C LEU A 598 12.92 -13.46 7.95
N ASN A 599 12.75 -12.39 7.16
CA ASN A 599 11.82 -12.45 6.05
C ASN A 599 12.26 -13.44 4.98
N THR A 600 13.56 -13.61 4.78
CA THR A 600 14.03 -14.64 3.87
C THR A 600 13.60 -16.02 4.34
N LEU A 601 13.84 -16.30 5.62
CA LEU A 601 13.46 -17.58 6.19
C LEU A 601 11.97 -17.83 6.02
N SER A 602 11.18 -16.76 6.20
CA SER A 602 9.74 -16.86 6.07
C SER A 602 9.36 -17.11 4.62
N ASP A 603 10.04 -16.43 3.69
CA ASP A 603 9.78 -16.59 2.27
C ASP A 603 10.09 -18.03 1.84
N ILE A 604 11.19 -18.57 2.35
CA ILE A 604 11.60 -19.93 2.02
C ILE A 604 10.56 -20.94 2.49
N ILE A 605 10.00 -20.70 3.69
CA ILE A 605 9.01 -21.59 4.26
C ILE A 605 7.73 -21.58 3.43
N ILE A 606 7.36 -20.42 2.93
CA ILE A 606 6.14 -20.27 2.13
C ILE A 606 6.27 -20.98 0.79
N GLN A 607 7.49 -21.01 0.25
CA GLN A 607 7.75 -21.65 -1.04
C GLN A 607 7.98 -23.15 -0.90
N THR A 608 8.32 -23.59 0.31
CA THR A 608 8.57 -25.00 0.55
C THR A 608 7.70 -25.57 1.67
N LYS A 609 6.40 -25.68 1.39
CA LYS A 609 5.47 -26.23 2.37
C LYS A 609 5.46 -27.75 2.40
N PRO A 610 5.92 -28.42 1.35
CA PRO A 610 6.08 -29.88 1.46
C PRO A 610 7.08 -30.33 2.52
N LEU A 611 8.31 -29.83 2.48
CA LEU A 611 9.38 -30.36 3.33
C LEU A 611 9.61 -29.46 4.53
N ILE A 612 9.36 -30.00 5.72
CA ILE A 612 9.76 -29.38 6.98
C ILE A 612 9.78 -30.44 8.07
N SER A 613 10.85 -30.48 8.87
CA SER A 613 11.00 -31.42 9.97
C SER A 613 10.63 -30.75 11.29
N ARG A 614 10.09 -31.54 12.22
CA ARG A 614 9.78 -31.02 13.53
C ARG A 614 11.04 -30.53 14.24
N ASP A 615 12.16 -31.23 14.04
CA ASP A 615 13.44 -30.73 14.56
C ASP A 615 13.75 -29.34 14.03
N LEU A 616 13.66 -29.18 12.71
CA LEU A 616 13.83 -27.86 12.10
C LEU A 616 12.82 -26.86 12.67
N LEU A 617 11.59 -27.33 12.86
CA LEU A 617 10.53 -26.50 13.39
C LEU A 617 10.91 -25.99 14.78
N VAL A 618 11.51 -26.86 15.57
CA VAL A 618 11.93 -26.50 16.92
C VAL A 618 13.05 -25.47 16.86
N GLU A 619 13.99 -25.68 15.94
CA GLU A 619 15.11 -24.76 15.77
C GLU A 619 14.60 -23.36 15.48
N ILE A 620 13.66 -23.26 14.55
CA ILE A 620 13.07 -21.98 14.18
C ILE A 620 12.37 -21.35 15.38
N LEU A 621 11.64 -22.17 16.12
CA LEU A 621 10.92 -21.70 17.30
C LEU A 621 11.89 -21.25 18.37
N GLN A 622 13.13 -21.73 18.28
CA GLN A 622 14.16 -21.36 19.25
C GLN A 622 14.61 -19.92 19.06
N ILE A 623 14.74 -19.48 17.81
CA ILE A 623 15.10 -18.09 17.60
C ILE A 623 13.93 -17.19 17.92
N ILE A 624 12.70 -17.66 17.69
CA ILE A 624 11.54 -16.79 17.83
C ILE A 624 11.55 -16.02 19.17
N PRO A 625 11.63 -16.67 20.33
CA PRO A 625 11.42 -15.92 21.58
C PRO A 625 12.56 -14.98 21.92
N ASN A 626 13.80 -15.34 21.62
CA ASN A 626 14.92 -14.41 21.80
C ASN A 626 14.64 -13.11 21.06
N LEU A 627 14.49 -13.21 19.74
CA LEU A 627 14.24 -12.03 18.94
C LEU A 627 12.97 -11.30 19.36
N TRP A 628 11.96 -12.03 19.84
CA TRP A 628 10.76 -11.37 20.32
C TRP A 628 11.05 -10.51 21.54
N GLU A 629 11.82 -11.05 22.49
CA GLU A 629 12.27 -10.27 23.64
C GLU A 629 12.97 -9.00 23.18
N ILE A 630 13.95 -9.16 22.28
CA ILE A 630 14.62 -7.99 21.72
C ILE A 630 13.59 -6.99 21.21
N ALA A 631 12.78 -7.42 20.24
CA ALA A 631 11.91 -6.51 19.52
C ALA A 631 10.94 -5.78 20.44
N THR A 632 10.36 -6.47 21.41
CA THR A 632 9.39 -5.83 22.27
C THR A 632 10.03 -4.96 23.34
N ASN A 633 11.28 -5.22 23.71
CA ASN A 633 11.92 -4.36 24.71
C ASN A 633 12.52 -3.12 24.05
N ASN A 634 13.51 -3.30 23.18
CA ASN A 634 14.21 -2.19 22.56
C ASN A 634 13.34 -1.56 21.49
N ALA A 635 12.92 -0.31 21.70
CA ALA A 635 12.03 0.37 20.78
C ALA A 635 12.50 0.24 19.34
N SER A 636 13.78 0.52 19.09
CA SER A 636 14.30 0.59 17.73
C SER A 636 14.25 -0.73 17.00
N GLU A 637 13.87 -1.82 17.66
CA GLU A 637 13.81 -3.13 17.01
C GLU A 637 12.38 -3.58 16.77
N ALA A 638 11.39 -2.74 17.04
CA ALA A 638 10.00 -3.18 16.96
C ALA A 638 9.67 -3.83 15.61
N ILE A 639 10.27 -3.35 14.52
CA ILE A 639 9.94 -3.89 13.21
C ILE A 639 10.16 -5.39 13.18
N LEU A 640 11.23 -5.87 13.82
CA LEU A 640 11.50 -7.29 13.89
C LEU A 640 10.28 -8.07 14.37
N ALA A 641 9.63 -7.56 15.43
CA ALA A 641 8.44 -8.22 15.95
C ALA A 641 7.46 -8.51 14.81
N ASN A 642 7.12 -7.49 14.02
CA ASN A 642 6.22 -7.71 12.89
C ASN A 642 6.73 -8.88 12.05
N ALA A 643 7.99 -8.82 11.64
CA ALA A 643 8.57 -9.92 10.86
C ALA A 643 8.36 -11.24 11.58
N LEU A 644 8.70 -11.29 12.87
CA LEU A 644 8.52 -12.52 13.63
C LEU A 644 7.09 -13.02 13.49
N LEU A 645 6.12 -12.15 13.73
CA LEU A 645 4.72 -12.53 13.55
C LEU A 645 4.55 -13.18 12.17
N ARG A 646 4.89 -12.44 11.12
CA ARG A 646 4.90 -12.97 9.77
C ARG A 646 5.45 -14.39 9.78
N LEU A 647 6.68 -14.53 10.27
CA LEU A 647 7.33 -15.84 10.32
C LEU A 647 6.43 -16.87 10.98
N LEU A 648 6.03 -16.63 12.23
CA LEU A 648 5.18 -17.59 12.92
C LEU A 648 3.97 -17.93 12.06
N ARG A 649 3.29 -16.90 11.55
CA ARG A 649 2.13 -17.13 10.70
C ARG A 649 2.48 -18.10 9.58
N ASN A 650 3.55 -17.79 8.85
CA ASN A 650 3.91 -18.64 7.72
C ASN A 650 4.35 -20.03 8.17
N LEU A 651 4.85 -20.18 9.39
CA LEU A 651 5.03 -21.52 9.94
C LEU A 651 3.68 -22.20 10.07
N VAL A 652 2.76 -21.58 10.80
CA VAL A 652 1.46 -22.20 11.06
C VAL A 652 0.86 -22.73 9.76
N SER A 653 0.56 -21.85 8.82
CA SER A 653 -0.08 -22.29 7.59
C SER A 653 0.82 -23.22 6.79
N SER A 654 2.15 -23.04 6.86
CA SER A 654 3.03 -23.99 6.17
C SER A 654 3.01 -25.33 6.87
N LEU A 655 3.00 -25.32 8.21
CA LEU A 655 3.05 -26.54 8.98
C LEU A 655 1.75 -27.31 8.83
N GLY A 656 0.62 -26.61 8.99
CA GLY A 656 -0.69 -27.18 8.73
C GLY A 656 -1.01 -28.38 9.59
N SER A 657 -2.20 -28.40 10.20
CA SER A 657 -2.68 -29.51 11.01
C SER A 657 -1.63 -30.25 11.81
N GLN A 658 -0.45 -29.63 11.94
CA GLN A 658 0.55 -29.91 12.96
C GLN A 658 0.91 -28.58 13.62
N SER A 659 0.22 -27.52 13.21
CA SER A 659 0.51 -26.15 13.60
C SER A 659 0.47 -25.95 15.10
N HIS A 660 -0.26 -26.80 15.82
CA HIS A 660 -0.34 -26.68 17.27
C HIS A 660 1.04 -26.80 17.92
N LEU A 661 2.01 -27.40 17.24
CA LEU A 661 3.37 -27.46 17.75
C LEU A 661 3.95 -26.09 18.03
N THR A 662 3.44 -25.05 17.36
CA THR A 662 3.91 -23.68 17.57
C THR A 662 3.25 -23.02 18.78
N TRP A 663 2.21 -23.63 19.33
CA TRP A 663 1.41 -22.96 20.37
C TRP A 663 2.31 -22.42 21.49
N ASP A 664 3.19 -23.26 22.02
CA ASP A 664 4.07 -22.86 23.12
C ASP A 664 4.59 -21.43 22.92
N ILE A 665 4.92 -21.07 21.69
CA ILE A 665 5.40 -19.73 21.36
C ILE A 665 4.25 -18.86 20.86
N ALA A 666 3.45 -19.38 19.93
CA ALA A 666 2.57 -18.52 19.16
C ALA A 666 1.45 -17.93 20.02
N ILE A 667 0.84 -18.74 20.90
CA ILE A 667 -0.25 -18.24 21.71
C ILE A 667 0.21 -17.09 22.60
N PRO A 668 1.26 -17.25 23.41
CA PRO A 668 1.80 -16.08 24.13
C PRO A 668 2.04 -14.88 23.24
N VAL A 669 2.67 -15.07 22.09
CA VAL A 669 2.91 -13.94 21.19
C VAL A 669 1.61 -13.22 20.88
N VAL A 670 0.61 -13.96 20.39
CA VAL A 670 -0.70 -13.35 20.14
C VAL A 670 -1.16 -12.63 21.39
N ALA A 671 -1.04 -13.29 22.55
CA ALA A 671 -1.52 -12.70 23.79
C ALA A 671 -0.94 -11.31 24.01
N LEU A 672 0.30 -11.08 23.58
CA LEU A 672 0.91 -9.78 23.76
C LEU A 672 0.63 -8.82 22.62
N ALA A 673 0.49 -9.33 21.40
CA ALA A 673 0.39 -8.45 20.25
C ALA A 673 -1.01 -7.91 20.07
N CYS A 674 -2.01 -8.71 20.44
CA CYS A 674 -3.40 -8.31 20.32
C CYS A 674 -3.97 -7.77 21.63
N ASP A 675 -3.12 -7.50 22.62
CA ASP A 675 -3.58 -7.03 23.92
C ASP A 675 -3.57 -5.51 23.93
N PRO A 676 -4.74 -4.84 24.01
CA PRO A 676 -4.79 -3.37 23.94
C PRO A 676 -4.43 -2.67 25.25
N SER A 677 -3.34 -3.11 25.87
CA SER A 677 -2.83 -2.43 27.06
C SER A 677 -1.34 -2.19 26.88
N SER A 678 -0.70 -3.01 26.06
CA SER A 678 0.71 -2.81 25.74
C SER A 678 0.82 -1.68 24.73
N MSE A 679 1.94 -0.96 24.80
CA MSE A 679 2.30 0.01 23.76
C MSE A 679 2.05 -0.67 22.41
O MSE A 679 1.24 -0.25 21.58
CB MSE A 679 3.75 0.48 23.86
CG MSE A 679 4.14 0.87 25.24
SE MSE A 679 3.14 2.37 25.96
CE MSE A 679 3.72 2.29 27.80
H MSE A 679 2.51 -1.02 25.44
HA MSE A 679 1.77 0.81 23.85
HB2 MSE A 679 4.34 -0.23 23.57
HB3 MSE A 679 3.87 1.26 23.29
HG2 MSE A 679 3.99 0.11 25.83
HG3 MSE A 679 5.08 1.11 25.24
HE1 MSE A 679 3.22 2.94 28.32
HE2 MSE A 679 3.56 1.39 28.14
HE3 MSE A 679 4.67 2.49 27.84
N GLN A 680 2.71 -1.82 22.28
CA GLN A 680 2.94 -2.47 20.99
C GLN A 680 1.66 -2.98 20.35
N TYR A 681 0.50 -2.89 21.00
CA TYR A 681 -0.74 -3.20 20.31
C TYR A 681 -0.86 -2.33 19.06
N GLN A 682 -0.60 -1.02 19.21
CA GLN A 682 -0.73 -0.09 18.09
C GLN A 682 0.08 -0.55 16.89
N LEU A 683 1.22 -1.21 17.11
CA LEU A 683 2.11 -1.61 16.02
C LEU A 683 1.93 -3.05 15.58
N LEU A 684 1.43 -3.93 16.44
CA LEU A 684 1.45 -5.35 16.18
C LEU A 684 0.06 -5.96 16.03
N SER A 685 -0.96 -5.37 16.66
CA SER A 685 -2.30 -5.92 16.70
C SER A 685 -2.69 -6.62 15.40
N GLU A 686 -2.61 -5.93 14.27
CA GLU A 686 -3.11 -6.50 13.02
C GLU A 686 -2.39 -7.81 12.67
N ASP A 687 -1.05 -7.75 12.55
CA ASP A 687 -0.29 -8.97 12.27
C ASP A 687 -0.60 -10.04 13.29
N GLY A 688 -0.78 -9.64 14.55
CA GLY A 688 -1.15 -10.60 15.58
C GLY A 688 -2.48 -11.28 15.30
N TYR A 689 -3.50 -10.48 14.98
CA TYR A 689 -4.83 -11.02 14.71
C TYR A 689 -4.76 -12.02 13.56
N GLU A 690 -4.01 -11.66 12.52
CA GLU A 690 -3.84 -12.60 11.40
C GLU A 690 -3.25 -13.91 11.90
N LEU A 691 -2.19 -13.82 12.71
CA LEU A 691 -1.61 -15.05 13.26
C LEU A 691 -2.65 -15.86 14.02
N TRP A 692 -3.42 -15.19 14.89
CA TRP A 692 -4.45 -15.84 15.68
C TRP A 692 -5.45 -16.56 14.79
N GLY A 693 -5.91 -15.88 13.74
CA GLY A 693 -6.77 -16.47 12.74
C GLY A 693 -6.18 -17.76 12.21
N MSE A 694 -4.97 -17.69 11.67
CA MSE A 694 -4.34 -18.89 11.12
C MSE A 694 -4.28 -19.99 12.15
O MSE A 694 -4.56 -21.16 11.87
CB MSE A 694 -2.91 -18.61 10.63
CG MSE A 694 -2.84 -17.77 9.41
SE MSE A 694 -3.21 -18.70 7.77
CE MSE A 694 -3.51 -17.22 6.66
H MSE A 694 -4.50 -16.97 11.62
HA MSE A 694 -4.86 -19.15 10.35
HB2 MSE A 694 -2.42 -18.15 11.34
HB3 MSE A 694 -2.48 -19.46 10.44
HG2 MSE A 694 -3.50 -17.06 9.49
HG3 MSE A 694 -1.95 -17.39 9.34
HE1 MSE A 694 -3.99 -17.51 5.87
HE2 MSE A 694 -4.03 -16.56 7.14
HE3 MSE A 694 -2.65 -16.84 6.40
N LEU A 695 -3.87 -19.63 13.36
CA LEU A 695 -3.78 -20.59 14.45
C LEU A 695 -5.07 -21.38 14.57
N LEU A 696 -6.20 -20.69 14.47
CA LEU A 696 -7.47 -21.42 14.54
C LEU A 696 -7.74 -22.21 13.25
N GLN A 697 -7.39 -21.64 12.08
CA GLN A 697 -7.73 -22.28 10.83
C GLN A 697 -6.93 -23.55 10.59
N ASN A 698 -5.70 -23.62 11.09
CA ASN A 698 -4.89 -24.82 10.96
C ASN A 698 -4.86 -25.64 12.23
N PHE A 699 -5.78 -25.40 13.15
CA PHE A 699 -5.92 -26.27 14.31
C PHE A 699 -6.76 -27.49 13.94
N SER A 700 -6.27 -28.66 14.28
CA SER A 700 -6.96 -29.91 13.98
C SER A 700 -7.27 -30.65 15.28
N SER A 701 -8.54 -30.67 15.68
CA SER A 701 -8.95 -31.43 16.85
C SER A 701 -8.66 -32.91 16.69
N HIS A 702 -8.60 -33.40 15.46
CA HIS A 702 -8.17 -34.75 15.17
C HIS A 702 -6.75 -35.02 15.65
N ASP A 703 -5.94 -33.98 15.88
CA ASP A 703 -4.55 -34.17 16.25
C ASP A 703 -4.16 -33.51 17.56
N GLN A 704 -5.08 -32.87 18.25
CA GLN A 704 -4.75 -32.16 19.48
C GLN A 704 -6.00 -31.61 20.15
N GLU A 705 -5.97 -31.44 21.46
CA GLU A 705 -7.05 -30.80 22.18
C GLU A 705 -6.92 -29.29 22.07
N PHE A 706 -8.06 -28.62 21.88
CA PHE A 706 -8.07 -27.18 21.63
C PHE A 706 -7.69 -26.45 22.92
N ASP A 707 -6.47 -25.90 22.93
CA ASP A 707 -5.97 -25.25 24.13
C ASP A 707 -6.97 -24.21 24.64
N ASP A 708 -7.29 -24.32 25.93
CA ASP A 708 -8.25 -23.40 26.54
C ASP A 708 -7.89 -21.94 26.30
N LYS A 709 -6.59 -21.63 26.18
CA LYS A 709 -6.19 -20.23 26.17
C LYS A 709 -6.81 -19.46 25.02
N PHE A 710 -7.07 -20.12 23.88
CA PHE A 710 -7.66 -19.42 22.75
C PHE A 710 -9.00 -18.78 23.12
N VAL A 711 -9.70 -19.35 24.08
CA VAL A 711 -10.98 -18.77 24.51
C VAL A 711 -10.74 -17.61 25.48
N GLU A 712 -9.67 -17.67 26.28
CA GLU A 712 -9.36 -16.56 27.16
C GLU A 712 -8.95 -15.33 26.37
N LEU A 713 -8.38 -15.52 25.18
CA LEU A 713 -7.95 -14.39 24.38
C LEU A 713 -9.13 -13.62 23.79
N VAL A 714 -10.26 -14.28 23.60
CA VAL A 714 -11.37 -13.79 22.80
C VAL A 714 -11.68 -12.32 23.07
N PRO A 715 -11.80 -11.88 24.32
CA PRO A 715 -12.17 -10.48 24.58
C PRO A 715 -11.39 -9.44 23.77
N PHE A 716 -10.12 -9.70 23.47
CA PHE A 716 -9.34 -8.74 22.70
C PHE A 716 -10.05 -8.35 21.41
N LEU A 717 -10.65 -9.32 20.72
CA LEU A 717 -11.41 -9.06 19.52
C LEU A 717 -12.23 -7.77 19.64
N LYS A 718 -12.94 -7.64 20.76
CA LYS A 718 -13.87 -6.52 20.91
C LYS A 718 -13.16 -5.19 20.71
N TYR A 719 -12.02 -5.00 21.38
CA TYR A 719 -11.33 -3.72 21.24
C TYR A 719 -10.92 -3.49 19.79
N GLY A 720 -10.48 -4.55 19.10
CA GLY A 720 -10.20 -4.42 17.68
C GLY A 720 -11.40 -3.93 16.92
N ILE A 721 -12.55 -4.56 17.15
CA ILE A 721 -13.78 -4.17 16.45
C ILE A 721 -14.09 -2.71 16.74
N GLU A 722 -13.97 -2.31 17.99
CA GLU A 722 -14.27 -0.96 18.42
C GLU A 722 -13.16 0.04 18.08
N THR A 723 -12.18 -0.36 17.28
CA THR A 723 -11.17 0.56 16.77
C THR A 723 -10.92 0.25 15.30
N HIS A 724 -10.03 -0.70 15.03
CA HIS A 724 -9.73 -1.06 13.65
C HIS A 724 -10.92 -1.64 12.89
N THR A 725 -11.95 -0.86 12.58
CA THR A 725 -12.97 -1.40 11.69
C THR A 725 -12.37 -1.70 10.32
N GLU A 726 -11.21 -1.13 10.01
CA GLU A 726 -10.56 -1.38 8.72
C GLU A 726 -10.24 -2.86 8.54
N ILE A 727 -10.09 -3.61 9.63
CA ILE A 727 -9.82 -5.03 9.54
C ILE A 727 -11.00 -5.86 10.02
N LEU A 728 -12.17 -5.27 10.16
CA LEU A 728 -13.30 -6.02 10.74
C LEU A 728 -13.48 -7.39 10.11
N PRO A 729 -13.39 -7.56 8.79
CA PRO A 729 -13.45 -8.92 8.24
C PRO A 729 -12.53 -9.91 8.92
N THR A 730 -11.24 -9.58 9.04
CA THR A 730 -10.29 -10.45 9.72
C THR A 730 -10.84 -10.88 11.07
N LEU A 731 -11.19 -9.91 11.92
CA LEU A 731 -11.76 -10.23 13.23
C LEU A 731 -12.93 -11.19 13.08
N LEU A 732 -13.84 -10.91 12.13
CA LEU A 732 -14.99 -11.78 11.95
C LEU A 732 -14.55 -13.18 11.58
N GLU A 733 -13.58 -13.29 10.68
CA GLU A 733 -13.05 -14.61 10.36
C GLU A 733 -12.68 -15.35 11.63
N ILE A 734 -11.95 -14.67 12.53
CA ILE A 734 -11.58 -15.31 13.78
C ILE A 734 -12.82 -15.85 14.48
N ILE A 735 -13.84 -15.00 14.60
CA ILE A 735 -15.08 -15.44 15.23
C ILE A 735 -15.62 -16.64 14.49
N LYS A 736 -15.67 -16.56 13.16
CA LYS A 736 -16.12 -17.70 12.37
C LYS A 736 -15.38 -18.97 12.79
N SER A 737 -14.06 -18.86 12.95
CA SER A 737 -13.28 -20.03 13.34
C SER A 737 -13.85 -20.68 14.60
N TYR A 738 -14.13 -19.87 15.62
CA TYR A 738 -14.65 -20.45 16.86
C TYR A 738 -16.00 -21.11 16.63
N ALA A 739 -16.83 -20.52 15.77
CA ALA A 739 -18.11 -21.14 15.47
C ALA A 739 -17.94 -22.51 14.85
N LEU A 740 -16.81 -22.76 14.19
CA LEU A 740 -16.56 -24.04 13.57
C LEU A 740 -15.80 -24.99 14.49
N ILE A 741 -15.37 -24.51 15.64
CA ILE A 741 -14.61 -25.31 16.60
C ILE A 741 -15.43 -25.62 17.86
N LEU A 742 -15.98 -24.58 18.49
CA LEU A 742 -16.60 -24.77 19.79
C LEU A 742 -17.96 -25.47 19.66
N ASN A 743 -18.47 -25.89 20.82
CA ASN A 743 -19.88 -26.25 20.91
C ASN A 743 -20.73 -24.99 20.84
N PRO A 744 -22.02 -25.13 20.52
CA PRO A 744 -22.92 -23.97 20.66
C PRO A 744 -23.14 -23.61 22.12
N VAL A 745 -23.26 -24.59 23.01
CA VAL A 745 -23.23 -24.29 24.45
C VAL A 745 -22.07 -23.34 24.75
N ASP A 746 -20.85 -23.79 24.47
CA ASP A 746 -19.68 -22.95 24.66
C ASP A 746 -19.84 -21.61 23.97
N PHE A 747 -20.03 -21.63 22.65
CA PHE A 747 -20.00 -20.40 21.86
C PHE A 747 -20.97 -19.36 22.40
N PHE A 748 -22.23 -19.76 22.60
CA PHE A 748 -23.23 -18.81 23.06
C PHE A 748 -23.05 -18.44 24.53
N SER A 749 -22.27 -19.21 25.28
CA SER A 749 -21.96 -18.78 26.64
C SER A 749 -21.00 -17.60 26.63
N ASN A 750 -20.05 -17.58 25.69
CA ASN A 750 -19.08 -16.51 25.62
C ASN A 750 -19.76 -15.16 25.59
N ASN A 751 -19.40 -14.29 26.53
CA ASN A 751 -20.00 -12.97 26.60
C ASN A 751 -19.50 -12.07 25.48
N THR A 752 -18.21 -12.13 25.17
CA THR A 752 -17.68 -11.28 24.11
C THR A 752 -18.41 -11.53 22.80
N PHE A 753 -18.63 -12.80 22.44
CA PHE A 753 -19.35 -13.12 21.21
C PHE A 753 -20.76 -12.56 21.26
N GLN A 754 -21.41 -12.58 22.42
CA GLN A 754 -22.75 -12.01 22.54
C GLN A 754 -22.73 -10.51 22.28
N ASP A 755 -21.78 -9.80 22.90
CA ASP A 755 -21.71 -8.35 22.70
C ASP A 755 -21.42 -8.02 21.24
N ILE A 756 -20.52 -8.79 20.61
CA ILE A 756 -20.20 -8.55 19.22
C ILE A 756 -21.44 -8.76 18.35
N PHE A 757 -22.21 -9.81 18.62
CA PHE A 757 -23.45 -10.03 17.87
C PHE A 757 -24.42 -8.88 18.07
N LYS A 758 -24.51 -8.38 19.31
CA LYS A 758 -25.36 -7.23 19.58
C LYS A 758 -25.00 -6.06 18.66
N GLN A 759 -23.70 -5.78 18.55
CA GLN A 759 -23.27 -4.66 17.70
C GLN A 759 -23.57 -4.94 16.23
N MSE A 760 -23.26 -6.15 15.77
CA MSE A 760 -23.50 -6.50 14.37
C MSE A 760 -24.98 -6.35 14.02
O MSE A 760 -25.31 -5.91 12.91
CB MSE A 760 -23.03 -7.92 14.09
CG MSE A 760 -21.54 -8.14 14.34
SE MSE A 760 -20.37 -7.04 13.18
CE MSE A 760 -19.87 -5.65 14.45
H MSE A 760 -22.91 -6.78 16.24
HA MSE A 760 -22.97 -5.92 13.80
HB2 MSE A 760 -23.52 -8.53 14.67
HB3 MSE A 760 -23.21 -8.14 13.16
HG2 MSE A 760 -21.34 -7.91 15.26
HG3 MSE A 760 -21.33 -9.06 14.17
HE1 MSE A 760 -19.28 -5.02 14.01
HE2 MSE A 760 -20.67 -5.20 14.76
HE3 MSE A 760 -19.41 -6.07 15.20
N SER A 761 -25.85 -6.67 14.96
CA SER A 761 -27.29 -6.48 14.73
C SER A 761 -27.63 -4.99 14.72
N LYS A 762 -27.05 -4.23 15.64
CA LYS A 762 -27.28 -2.78 15.66
C LYS A 762 -26.92 -2.17 14.31
N TYR A 763 -25.85 -2.64 13.68
CA TYR A 763 -25.35 -2.03 12.45
C TYR A 763 -25.37 -3.00 11.27
N LEU A 764 -26.33 -3.92 11.19
CA LEU A 764 -26.24 -4.98 10.18
C LEU A 764 -26.27 -4.40 8.77
N LEU A 765 -27.27 -3.56 8.47
CA LEU A 765 -27.37 -3.01 7.12
C LEU A 765 -26.32 -1.94 6.84
N LYS A 766 -25.63 -1.47 7.87
CA LYS A 766 -24.54 -0.51 7.69
C LYS A 766 -23.22 -1.19 7.36
N LEU A 767 -23.11 -2.49 7.61
CA LEU A 767 -21.86 -3.19 7.38
C LEU A 767 -21.47 -3.14 5.91
N ARG A 768 -20.15 -3.14 5.68
CA ARG A 768 -19.62 -3.33 4.34
C ARG A 768 -19.86 -4.75 3.89
N GLU A 769 -20.20 -4.90 2.61
CA GLU A 769 -20.65 -6.19 2.08
C GLU A 769 -19.82 -7.39 2.52
N ASP A 770 -18.50 -7.23 2.59
CA ASP A 770 -17.63 -8.36 2.94
C ASP A 770 -17.90 -8.84 4.36
N SER A 771 -17.94 -7.90 5.31
CA SER A 771 -18.18 -8.25 6.71
C SER A 771 -19.64 -8.60 6.95
N PHE A 772 -20.56 -7.98 6.20
CA PHE A 772 -21.97 -8.37 6.23
C PHE A 772 -22.13 -9.85 5.88
N GLN A 773 -21.52 -10.25 4.77
CA GLN A 773 -21.57 -11.65 4.38
C GLN A 773 -20.94 -12.53 5.44
N LEU A 774 -19.81 -12.09 6.03
CA LEU A 774 -19.19 -12.88 7.08
C LEU A 774 -20.13 -13.09 8.25
N VAL A 775 -20.82 -12.03 8.67
CA VAL A 775 -21.78 -12.13 9.77
C VAL A 775 -22.84 -13.17 9.46
N LEU A 776 -23.47 -13.04 8.29
CA LEU A 776 -24.49 -14.03 7.94
C LEU A 776 -23.90 -15.44 7.91
N GLU A 777 -22.70 -15.59 7.35
CA GLU A 777 -22.08 -16.90 7.33
C GLU A 777 -21.93 -17.47 8.74
N ILE A 778 -21.48 -16.64 9.68
CA ILE A 778 -21.30 -17.08 11.06
C ILE A 778 -22.63 -17.57 11.63
N TRP A 779 -23.70 -16.79 11.43
CA TRP A 779 -25.02 -17.20 11.92
C TRP A 779 -25.45 -18.53 11.28
N GLU A 780 -25.16 -18.70 9.98
CA GLU A 780 -25.51 -19.95 9.31
C GLU A 780 -24.71 -21.11 9.90
N ILE A 781 -23.43 -20.88 10.23
CA ILE A 781 -22.60 -21.94 10.78
C ILE A 781 -23.11 -22.34 12.14
N LEU A 782 -23.54 -21.37 12.95
CA LEU A 782 -24.08 -21.70 14.26
C LEU A 782 -25.36 -22.51 14.11
N ILE A 783 -26.26 -22.07 13.23
CA ILE A 783 -27.52 -22.80 13.04
C ILE A 783 -27.25 -24.24 12.64
N LEU A 784 -26.38 -24.44 11.64
CA LEU A 784 -26.11 -25.80 11.17
C LEU A 784 -25.42 -26.63 12.25
N SER A 785 -24.27 -26.16 12.75
CA SER A 785 -23.52 -26.93 13.72
C SER A 785 -24.33 -27.14 15.00
N ASN A 786 -25.12 -26.14 15.40
CA ASN A 786 -26.03 -26.31 16.52
C ASN A 786 -27.12 -27.30 16.09
N GLU A 787 -26.72 -28.57 16.01
CA GLU A 787 -27.54 -29.68 15.50
C GLU A 787 -29.02 -29.38 15.56
N SER A 788 -29.62 -29.53 16.74
CA SER A 788 -31.06 -29.34 16.88
C SER A 788 -31.45 -29.34 18.34
N ASP A 789 -30.82 -30.21 19.12
CA ASP A 789 -31.17 -30.44 20.53
C ASP A 789 -31.59 -29.14 21.21
N TYR A 790 -30.90 -28.04 20.88
CA TYR A 790 -31.40 -26.72 21.26
C TYR A 790 -32.88 -26.68 20.94
N GLU A 791 -33.73 -26.74 21.97
CA GLU A 791 -35.14 -26.41 21.80
C GLU A 791 -35.36 -24.92 22.04
N ASN A 792 -34.32 -24.19 22.44
CA ASN A 792 -34.41 -22.74 22.55
C ASN A 792 -33.08 -22.07 22.85
N LEU A 793 -31.97 -22.82 22.91
CA LEU A 793 -30.71 -22.17 23.24
C LEU A 793 -30.36 -21.13 22.18
N LEU A 794 -30.05 -21.60 20.97
CA LEU A 794 -29.63 -20.67 19.91
C LEU A 794 -30.70 -19.62 19.64
N LEU A 795 -31.98 -20.02 19.68
CA LEU A 795 -33.03 -19.05 19.39
C LEU A 795 -33.13 -18.01 20.51
N GLN A 796 -33.03 -18.45 21.77
CA GLN A 796 -33.04 -17.48 22.86
C GLN A 796 -31.82 -16.57 22.81
N LYS A 797 -30.71 -17.05 22.27
CA LYS A 797 -29.52 -16.21 22.17
C LYS A 797 -29.63 -15.24 21.00
N PHE A 798 -30.16 -15.69 19.86
CA PHE A 798 -30.39 -14.78 18.74
C PHE A 798 -31.38 -13.69 19.12
N TYR A 799 -32.45 -14.05 19.84
CA TYR A 799 -33.39 -13.04 20.32
C TYR A 799 -32.72 -12.13 21.36
N GLU A 800 -32.00 -12.73 22.30
CA GLU A 800 -31.33 -11.96 23.34
C GLU A 800 -30.37 -10.95 22.75
N THR A 801 -29.63 -11.35 21.73
CA THR A 801 -28.59 -10.50 21.14
C THR A 801 -29.09 -9.71 19.93
N GLY A 802 -30.41 -9.71 19.67
CA GLY A 802 -30.97 -8.86 18.65
C GLY A 802 -30.80 -9.35 17.22
N VAL A 803 -30.16 -10.49 17.01
CA VAL A 803 -30.05 -11.05 15.67
C VAL A 803 -31.43 -11.26 15.07
N LEU A 804 -32.27 -12.02 15.78
CA LEU A 804 -33.61 -12.35 15.30
C LEU A 804 -34.37 -11.09 14.90
N SER A 805 -34.37 -10.08 15.77
CA SER A 805 -35.11 -8.86 15.47
C SER A 805 -34.56 -8.15 14.23
N ALA A 806 -33.23 -8.04 14.13
CA ALA A 806 -32.62 -7.31 13.03
C ALA A 806 -32.96 -7.95 11.69
N LEU A 807 -32.92 -9.29 11.63
CA LEU A 807 -33.22 -9.95 10.37
C LEU A 807 -34.57 -9.52 9.83
N PHE A 808 -35.59 -9.46 10.69
CA PHE A 808 -36.92 -9.07 10.25
C PHE A 808 -37.02 -7.57 10.04
N ASP A 809 -36.32 -6.76 10.84
CA ASP A 809 -36.33 -5.32 10.63
C ASP A 809 -35.84 -4.99 9.22
N ALA A 810 -34.82 -5.69 8.75
CA ALA A 810 -34.27 -5.41 7.42
C ALA A 810 -35.32 -5.64 6.34
N ILE A 811 -35.97 -6.80 6.36
CA ILE A 811 -36.80 -7.18 5.23
C ILE A 811 -38.16 -6.49 5.24
N PHE A 812 -38.57 -5.88 6.35
CA PHE A 812 -39.82 -5.13 6.37
C PHE A 812 -39.60 -3.62 6.19
N LEU A 813 -38.44 -3.20 5.71
CA LEU A 813 -38.23 -1.78 5.46
C LEU A 813 -39.03 -1.36 4.24
N GLU A 814 -39.74 -0.24 4.35
CA GLU A 814 -40.48 0.28 3.19
C GLU A 814 -39.55 0.50 2.01
N GLU A 815 -38.42 1.19 2.25
CA GLU A 815 -37.37 1.31 1.24
C GLU A 815 -36.66 -0.04 1.18
N ALA A 816 -37.27 -0.97 0.44
CA ALA A 816 -36.88 -2.36 0.51
C ALA A 816 -35.44 -2.54 0.03
N PRO A 817 -34.77 -3.59 0.51
CA PRO A 817 -33.42 -3.89 0.02
C PRO A 817 -33.44 -4.67 -1.28
N SER A 818 -32.34 -4.53 -2.03
CA SER A 818 -32.09 -5.33 -3.22
C SER A 818 -32.47 -6.78 -2.99
N SER A 819 -33.40 -7.30 -3.81
CA SER A 819 -33.90 -8.65 -3.59
C SER A 819 -32.76 -9.64 -3.43
N TYR A 820 -31.61 -9.37 -4.05
CA TYR A 820 -30.42 -10.18 -3.80
C TYR A 820 -30.03 -10.15 -2.32
N LEU A 821 -29.78 -8.94 -1.79
CA LEU A 821 -29.44 -8.82 -0.37
C LEU A 821 -30.60 -9.28 0.51
N CYS A 822 -31.83 -9.05 0.07
CA CYS A 822 -32.98 -9.53 0.82
C CYS A 822 -32.94 -11.05 0.95
N SER A 823 -32.57 -11.75 -0.11
CA SER A 823 -32.45 -13.21 -0.03
C SER A 823 -31.25 -13.61 0.82
N GLN A 824 -30.16 -12.84 0.74
CA GLN A 824 -29.04 -13.07 1.65
C GLN A 824 -29.52 -13.13 3.09
N ILE A 825 -30.41 -12.22 3.45
CA ILE A 825 -30.92 -12.19 4.82
C ILE A 825 -31.89 -13.34 5.07
N ILE A 826 -32.87 -13.50 4.17
CA ILE A 826 -33.92 -14.49 4.40
C ILE A 826 -33.36 -15.90 4.48
N GLN A 827 -32.25 -16.17 3.78
CA GLN A 827 -31.64 -17.50 3.84
C GLN A 827 -31.43 -17.93 5.28
N ILE A 828 -30.96 -17.02 6.12
CA ILE A 828 -30.82 -17.31 7.55
C ILE A 828 -32.17 -17.71 8.13
N ILE A 829 -33.22 -16.97 7.78
CA ILE A 829 -34.55 -17.26 8.33
C ILE A 829 -35.01 -18.63 7.89
N ALA A 830 -34.64 -19.04 6.66
CA ALA A 830 -35.04 -20.35 6.17
C ALA A 830 -34.32 -21.45 6.93
N ARG A 831 -33.04 -21.22 7.24
CA ARG A 831 -32.29 -22.16 8.05
C ARG A 831 -32.94 -22.33 9.42
N ILE A 832 -33.40 -21.22 10.01
CA ILE A 832 -34.09 -21.31 11.30
C ILE A 832 -35.42 -22.04 11.13
N SER A 833 -36.24 -21.56 10.21
CA SER A 833 -37.55 -22.16 9.93
C SER A 833 -37.46 -23.68 9.89
N TYR A 834 -36.47 -24.22 9.17
CA TYR A 834 -36.30 -25.67 9.16
C TYR A 834 -36.21 -26.24 10.56
N VAL A 835 -35.44 -25.60 11.44
CA VAL A 835 -35.22 -26.07 12.81
C VAL A 835 -36.13 -25.24 13.72
N ASN A 836 -37.25 -25.82 14.12
CA ASN A 836 -38.17 -25.18 15.06
C ASN A 836 -38.85 -23.99 14.43
N PRO A 837 -39.69 -24.20 13.40
CA PRO A 837 -40.48 -23.07 12.87
C PRO A 837 -41.47 -22.50 13.87
N ASP A 838 -41.93 -23.30 14.83
CA ASP A 838 -42.90 -22.80 15.79
C ASP A 838 -42.32 -21.65 16.60
N ALA A 839 -41.11 -21.83 17.14
CA ALA A 839 -40.48 -20.75 17.91
C ALA A 839 -40.27 -19.52 17.03
N LEU A 840 -39.83 -19.72 15.78
CA LEU A 840 -39.70 -18.61 14.84
C LEU A 840 -40.97 -17.77 14.87
N MSE A 841 -42.10 -18.37 14.56
CA MSE A 841 -43.38 -17.68 14.57
C MSE A 841 -43.65 -17.06 15.92
O MSE A 841 -44.08 -15.89 16.00
CB MSE A 841 -44.51 -18.62 14.19
CG MSE A 841 -44.36 -19.26 12.81
SE MSE A 841 -44.47 -17.94 11.36
CE MSE A 841 -42.59 -17.62 11.05
H MSE A 841 -42.16 -19.21 14.33
HA MSE A 841 -43.34 -16.97 13.90
HB2 MSE A 841 -44.55 -19.34 14.84
HB3 MSE A 841 -45.35 -18.13 14.19
HG2 MSE A 841 -43.50 -19.71 12.76
HG3 MSE A 841 -45.07 -19.91 12.69
HE1 MSE A 841 -42.43 -17.60 10.09
HE2 MSE A 841 -42.35 -16.76 11.44
HE3 MSE A 841 -42.07 -18.33 11.46
N THR A 842 -43.37 -17.81 16.98
CA THR A 842 -43.58 -17.28 18.32
C THR A 842 -42.89 -15.92 18.44
N PHE A 843 -41.62 -15.87 18.05
CA PHE A 843 -40.86 -14.64 18.21
C PHE A 843 -41.31 -13.61 17.19
N LEU A 844 -41.78 -14.04 16.01
CA LEU A 844 -42.41 -13.09 15.11
C LEU A 844 -43.53 -12.37 15.88
N ALA A 845 -44.36 -13.16 16.57
CA ALA A 845 -45.41 -12.56 17.40
C ALA A 845 -44.81 -11.57 18.37
N THR A 846 -43.77 -11.99 19.09
CA THR A 846 -43.11 -11.09 20.03
C THR A 846 -42.66 -9.83 19.31
N TYR A 847 -42.02 -10.01 18.15
CA TYR A 847 -41.57 -8.87 17.34
C TYR A 847 -42.76 -7.98 17.00
N HIS A 848 -43.88 -8.58 16.63
CA HIS A 848 -45.08 -7.80 16.32
C HIS A 848 -45.52 -7.00 17.52
N ASP A 849 -45.48 -7.61 18.71
CA ASP A 849 -45.99 -6.92 19.89
C ASP A 849 -45.13 -5.71 20.23
N ASN A 850 -43.82 -5.81 19.98
CA ASN A 850 -42.87 -4.78 20.39
C ASN A 850 -42.55 -3.80 19.28
N LEU A 851 -43.39 -3.71 18.26
CA LEU A 851 -43.15 -2.78 17.18
C LEU A 851 -43.59 -1.36 17.57
N PRO A 852 -43.13 -0.35 16.84
CA PRO A 852 -43.71 0.98 16.99
C PRO A 852 -45.14 1.01 16.46
N THR A 853 -45.87 2.05 16.87
CA THR A 853 -47.23 2.24 16.38
C THR A 853 -47.22 2.61 14.91
N SER A 854 -48.32 2.25 14.22
CA SER A 854 -48.42 2.58 12.79
C SER A 854 -48.24 4.07 12.57
N ASN A 855 -48.76 4.88 13.49
CA ASN A 855 -48.55 6.33 13.39
C ASN A 855 -47.07 6.67 13.53
N GLU A 856 -46.40 6.12 14.55
CA GLU A 856 -44.97 6.35 14.70
C GLU A 856 -44.21 5.88 13.47
N ASN A 857 -44.60 4.74 12.90
CA ASN A 857 -43.96 4.28 11.67
C ASN A 857 -44.14 5.33 10.58
N ALA A 858 -45.36 5.86 10.42
CA ALA A 858 -45.62 6.85 9.39
C ALA A 858 -44.72 8.07 9.53
N ARG A 859 -44.24 8.34 10.75
CA ARG A 859 -43.42 9.52 10.98
C ARG A 859 -41.98 9.33 10.52
N MSE A 860 -41.46 8.11 10.61
CA MSE A 860 -40.01 7.91 10.53
C MSE A 860 -39.39 8.14 9.17
O MSE A 860 -40.11 8.25 8.17
CB MSE A 860 -39.69 6.51 11.04
CG MSE A 860 -40.06 6.35 12.54
SE MSE A 860 -39.56 4.65 13.38
CE MSE A 860 -40.75 3.45 12.44
H MSE A 860 -41.92 7.39 10.71
HA MSE A 860 -39.59 8.58 11.09
HB2 MSE A 860 -40.19 5.85 10.53
HB3 MSE A 860 -38.73 6.34 10.96
HG2 MSE A 860 -39.64 7.06 13.03
HG3 MSE A 860 -41.03 6.43 12.61
HE1 MSE A 860 -40.32 2.60 12.34
HE2 MSE A 860 -41.57 3.35 12.97
HE3 MSE A 860 -40.97 3.84 11.58
N PRO A 861 -38.06 8.25 9.14
CA PRO A 861 -37.39 8.82 7.96
C PRO A 861 -37.44 7.93 6.74
N GLU A 862 -36.89 8.51 5.67
CA GLU A 862 -36.71 7.93 4.33
C GLU A 862 -36.72 6.40 4.33
N SER A 863 -35.64 5.78 4.82
CA SER A 863 -35.39 4.37 4.55
C SER A 863 -35.38 3.52 5.82
N ILE A 864 -35.92 4.04 6.92
CA ILE A 864 -36.14 3.24 8.11
C ILE A 864 -37.61 3.09 8.44
N ARG A 865 -38.50 3.63 7.60
CA ARG A 865 -39.91 3.25 7.67
C ARG A 865 -40.05 1.76 7.37
N LYS A 866 -40.97 1.12 8.06
CA LYS A 866 -41.24 -0.30 7.89
C LYS A 866 -42.64 -0.48 7.34
N ILE A 867 -42.87 -1.65 6.73
CA ILE A 867 -44.17 -1.94 6.14
C ILE A 867 -45.10 -2.65 7.09
N VAL A 868 -44.66 -2.91 8.33
CA VAL A 868 -45.49 -3.51 9.36
C VAL A 868 -45.41 -2.61 10.59
N SER A 869 -46.35 -2.81 11.51
CA SER A 869 -46.42 -1.96 12.69
C SER A 869 -47.20 -2.67 13.79
N LYS A 870 -47.08 -2.14 15.01
CA LYS A 870 -47.84 -2.68 16.13
C LYS A 870 -49.32 -2.38 15.97
N ASP A 871 -49.68 -1.11 15.79
CA ASP A 871 -51.07 -0.72 15.56
C ASP A 871 -51.50 -1.22 14.18
N GLN A 872 -51.54 -2.54 14.02
CA GLN A 872 -51.79 -3.20 12.74
C GLN A 872 -52.17 -4.63 13.09
N THR A 873 -52.73 -5.35 12.11
CA THR A 873 -53.09 -6.73 12.36
C THR A 873 -51.82 -7.53 12.71
N TYR A 874 -52.00 -8.84 12.74
CA TYR A 874 -50.94 -9.74 13.08
C TYR A 874 -50.16 -9.88 11.85
N ASP A 875 -49.75 -8.73 11.31
CA ASP A 875 -48.97 -8.60 10.08
C ASP A 875 -49.68 -9.30 8.93
N SER A 876 -50.99 -9.00 8.87
CA SER A 876 -51.92 -9.60 7.95
C SER A 876 -51.67 -11.08 8.02
N VAL A 877 -51.89 -11.64 9.21
CA VAL A 877 -51.60 -13.02 9.56
C VAL A 877 -50.40 -13.58 8.85
N VAL A 878 -49.22 -13.03 9.15
CA VAL A 878 -47.99 -13.53 8.60
C VAL A 878 -47.96 -13.54 7.09
N ASN A 879 -49.01 -13.08 6.49
CA ASN A 879 -48.97 -13.01 5.04
C ASN A 879 -47.83 -12.12 4.55
N LYS A 880 -47.72 -10.87 5.03
CA LYS A 880 -46.64 -10.00 4.59
C LYS A 880 -45.35 -10.80 4.40
N LEU A 881 -44.89 -11.44 5.49
CA LEU A 881 -43.67 -12.24 5.46
C LEU A 881 -43.70 -13.33 4.39
N LEU A 882 -44.71 -14.20 4.44
CA LEU A 882 -44.68 -15.42 3.63
C LEU A 882 -44.92 -15.12 2.16
N THR A 883 -45.81 -14.18 1.86
CA THR A 883 -46.08 -13.81 0.48
C THR A 883 -44.92 -13.03 -0.13
N GLY A 884 -44.19 -12.25 0.67
CA GLY A 884 -42.97 -11.65 0.15
C GLY A 884 -41.88 -12.68 -0.09
N TRP A 885 -41.79 -13.68 0.78
CA TRP A 885 -40.74 -14.69 0.67
C TRP A 885 -40.97 -15.61 -0.53
N ILE A 886 -42.23 -16.00 -0.77
CA ILE A 886 -42.50 -16.82 -1.94
C ILE A 886 -42.34 -16.05 -3.24
N VAL A 887 -42.13 -14.75 -3.18
CA VAL A 887 -41.82 -13.95 -4.35
C VAL A 887 -40.31 -13.76 -4.52
N CYS A 888 -39.61 -13.47 -3.42
CA CYS A 888 -38.15 -13.58 -3.42
C CYS A 888 -37.79 -14.86 -4.15
N PHE A 889 -38.44 -15.95 -3.75
CA PHE A 889 -38.11 -17.26 -4.29
C PHE A 889 -38.00 -17.23 -5.81
N ARG A 890 -38.96 -16.58 -6.48
CA ARG A 890 -38.89 -16.49 -7.93
C ARG A 890 -37.58 -15.89 -8.40
N ASP A 891 -37.00 -14.98 -7.62
CA ASP A 891 -35.73 -14.38 -7.96
C ASP A 891 -34.54 -15.30 -7.66
N ILE A 892 -34.73 -16.32 -6.83
CA ILE A 892 -33.62 -17.20 -6.52
C ILE A 892 -33.34 -18.09 -7.72
N PHE A 893 -32.08 -18.42 -7.91
CA PHE A 893 -31.58 -19.23 -9.01
C PHE A 893 -30.63 -20.36 -8.62
N ASP A 894 -29.93 -20.26 -7.52
CA ASP A 894 -28.99 -21.28 -7.11
C ASP A 894 -29.76 -22.50 -6.65
N PRO A 895 -29.46 -23.68 -7.21
CA PRO A 895 -30.13 -24.90 -6.75
C PRO A 895 -30.08 -25.06 -5.23
N LYS A 896 -28.88 -25.03 -4.66
CA LYS A 896 -28.76 -25.21 -3.22
C LYS A 896 -29.60 -24.20 -2.45
N PHE A 897 -29.40 -22.91 -2.75
CA PHE A 897 -30.13 -21.88 -2.02
C PHE A 897 -31.63 -21.95 -2.29
N LYS A 898 -32.03 -22.31 -3.52
CA LYS A 898 -33.44 -22.55 -3.80
C LYS A 898 -34.02 -23.61 -2.88
N LYS A 899 -33.26 -24.68 -2.63
CA LYS A 899 -33.77 -25.74 -1.75
C LYS A 899 -33.76 -25.30 -0.30
N VAL A 900 -32.74 -24.57 0.12
CA VAL A 900 -32.72 -24.01 1.48
C VAL A 900 -34.00 -23.22 1.72
N HIS A 901 -34.36 -22.37 0.75
CA HIS A 901 -35.53 -21.51 0.91
C HIS A 901 -36.81 -22.31 0.92
N ILE A 902 -36.94 -23.30 0.03
CA ILE A 902 -38.18 -24.06 -0.01
C ILE A 902 -38.33 -24.88 1.27
N LEU A 903 -37.24 -25.41 1.81
CA LEU A 903 -37.32 -26.11 3.08
C LEU A 903 -37.77 -25.16 4.19
N GLY A 904 -37.23 -23.93 4.20
CA GLY A 904 -37.74 -22.94 5.14
C GLY A 904 -39.23 -22.75 5.04
N ILE A 905 -39.72 -22.55 3.81
CA ILE A 905 -41.15 -22.29 3.60
C ILE A 905 -41.98 -23.48 4.09
N SER A 906 -41.57 -24.69 3.72
CA SER A 906 -42.36 -25.88 4.05
C SER A 906 -42.35 -26.15 5.55
N SER A 907 -41.17 -26.12 6.17
CA SER A 907 -41.12 -26.25 7.61
C SER A 907 -41.98 -25.18 8.28
N LEU A 908 -42.12 -24.00 7.67
CA LEU A 908 -43.03 -23.01 8.21
C LEU A 908 -44.48 -23.45 8.04
N LEU A 909 -44.80 -24.08 6.91
CA LEU A 909 -46.13 -24.65 6.71
C LEU A 909 -46.50 -25.60 7.82
N ARG A 910 -45.51 -26.31 8.37
CA ARG A 910 -45.79 -27.29 9.41
C ARG A 910 -46.46 -26.69 10.65
N THR A 911 -46.47 -25.36 10.79
CA THR A 911 -47.08 -24.74 11.96
C THR A 911 -48.60 -24.76 11.91
N GLY A 912 -49.17 -24.97 10.73
CA GLY A 912 -50.61 -25.03 10.57
C GLY A 912 -51.32 -23.73 10.90
N LEU A 913 -50.58 -22.65 11.03
CA LEU A 913 -51.21 -21.36 11.29
C LEU A 913 -52.04 -20.93 10.09
N VAL A 914 -53.15 -20.25 10.37
CA VAL A 914 -54.13 -19.88 9.36
C VAL A 914 -53.45 -19.25 8.15
N PRO A 915 -52.72 -18.15 8.32
CA PRO A 915 -52.20 -17.46 7.13
C PRO A 915 -51.18 -18.27 6.35
N ILE A 916 -50.26 -18.93 7.03
CA ILE A 916 -49.31 -19.80 6.34
C ILE A 916 -50.08 -20.86 5.56
N LEU A 917 -50.96 -21.59 6.24
CA LEU A 917 -51.77 -22.63 5.62
C LEU A 917 -52.55 -22.09 4.43
N THR A 918 -52.86 -20.79 4.43
CA THR A 918 -53.65 -20.21 3.36
C THR A 918 -52.96 -20.32 2.01
N GLU A 919 -51.65 -20.13 1.97
CA GLU A 919 -50.89 -20.06 0.72
C GLU A 919 -50.39 -21.42 0.26
N PHE A 920 -51.04 -22.50 0.71
CA PHE A 920 -50.63 -23.83 0.29
C PHE A 920 -50.67 -23.96 -1.22
N SER A 921 -51.65 -23.34 -1.88
CA SER A 921 -51.70 -23.36 -3.34
C SER A 921 -50.35 -23.01 -3.94
N SER A 922 -49.81 -21.85 -3.54
CA SER A 922 -48.55 -21.38 -4.09
C SER A 922 -47.39 -22.26 -3.67
N ILE A 923 -47.35 -22.68 -2.40
CA ILE A 923 -46.22 -23.48 -1.94
C ILE A 923 -46.17 -24.81 -2.68
N ALA A 924 -47.33 -25.39 -2.95
CA ALA A 924 -47.40 -26.65 -3.70
C ALA A 924 -47.04 -26.45 -5.16
N SER A 925 -47.41 -25.31 -5.74
CA SER A 925 -46.93 -24.99 -7.07
C SER A 925 -45.40 -25.00 -7.11
N LEU A 926 -44.77 -24.36 -6.13
CA LEU A 926 -43.32 -24.37 -6.05
C LEU A 926 -42.77 -25.79 -5.93
N TRP A 927 -43.42 -26.61 -5.10
CA TRP A 927 -43.01 -28.00 -4.95
C TRP A 927 -43.01 -28.71 -6.29
N ILE A 928 -44.11 -28.56 -7.05
CA ILE A 928 -44.21 -29.23 -8.35
C ILE A 928 -43.09 -28.75 -9.27
N GLU A 929 -42.90 -27.43 -9.36
CA GLU A 929 -41.82 -26.86 -10.15
C GLU A 929 -40.51 -27.57 -9.87
N MSE A 930 -40.07 -27.53 -8.63
CA MSE A 930 -38.76 -28.09 -8.30
C MSE A 930 -38.67 -29.61 -8.44
O MSE A 930 -37.62 -30.13 -8.79
CB MSE A 930 -38.37 -27.74 -6.87
CG MSE A 930 -38.11 -26.25 -6.61
SE MSE A 930 -37.76 -25.98 -4.72
CE MSE A 930 -35.94 -26.66 -4.62
H MSE A 930 -40.50 -27.20 -7.96
HA MSE A 930 -38.15 -27.68 -8.93
HB2 MSE A 930 -39.08 -28.02 -6.28
HB3 MSE A 930 -37.54 -28.22 -6.66
HG2 MSE A 930 -37.34 -25.96 -7.12
HG3 MSE A 930 -38.89 -25.74 -6.86
HE1 MSE A 930 -35.75 -26.91 -3.70
HE2 MSE A 930 -35.86 -27.43 -5.19
HE3 MSE A 930 -35.33 -25.97 -4.90
N LEU A 931 -39.78 -30.30 -8.17
CA LEU A 931 -39.78 -31.75 -8.32
C LEU A 931 -39.57 -32.14 -9.77
N GLU A 932 -40.26 -31.45 -10.68
CA GLU A 932 -40.04 -31.73 -12.11
C GLU A 932 -38.63 -31.38 -12.53
N GLU A 933 -38.00 -30.41 -11.86
CA GLU A 933 -36.64 -30.02 -12.19
C GLU A 933 -35.63 -31.05 -11.72
N ILE A 934 -35.50 -31.21 -10.40
CA ILE A 934 -34.30 -31.79 -9.82
C ILE A 934 -34.40 -33.31 -9.74
N ASN A 935 -33.23 -33.94 -9.87
CA ASN A 935 -33.05 -35.39 -9.84
C ASN A 935 -32.12 -35.73 -8.68
N GLU A 936 -32.70 -35.86 -7.49
CA GLU A 936 -31.93 -36.15 -6.29
C GLU A 936 -31.68 -37.64 -6.12
N THR A 937 -30.66 -37.96 -5.32
CA THR A 937 -30.36 -39.34 -4.96
C THR A 937 -31.22 -39.77 -3.79
N ASN A 938 -30.99 -41.00 -3.30
CA ASN A 938 -31.74 -41.52 -2.16
C ASN A 938 -31.74 -40.49 -1.03
N ARG A 939 -30.64 -40.36 -0.29
CA ARG A 939 -30.39 -39.14 0.45
C ARG A 939 -30.48 -37.97 -0.54
N GLY A 940 -31.14 -36.90 -0.12
CA GLY A 940 -31.52 -35.86 -1.06
C GLY A 940 -30.43 -34.95 -1.59
N ASP A 941 -29.30 -35.51 -2.02
CA ASP A 941 -28.20 -34.72 -2.54
C ASP A 941 -28.19 -34.71 -4.07
N CYS A 942 -27.54 -33.70 -4.62
CA CYS A 942 -27.50 -33.50 -6.07
C CYS A 942 -26.21 -32.75 -6.42
N GLU A 943 -25.53 -33.20 -7.47
CA GLU A 943 -24.27 -32.56 -7.83
C GLU A 943 -24.45 -31.07 -8.05
N LYS A 944 -25.62 -30.65 -8.55
CA LYS A 944 -25.93 -29.23 -8.69
C LYS A 944 -25.99 -28.50 -7.35
N TYR A 945 -26.06 -29.24 -6.24
CA TYR A 945 -25.98 -28.62 -4.92
C TYR A 945 -24.54 -28.40 -4.48
N HIS A 946 -23.57 -28.91 -5.22
CA HIS A 946 -22.17 -28.77 -4.86
C HIS A 946 -21.37 -27.97 -5.88
N LEU A 947 -21.91 -26.85 -6.36
CA LEU A 947 -21.16 -26.05 -7.33
C LEU A 947 -20.26 -25.05 -6.61
N ASN A 948 -20.84 -24.13 -5.85
CA ASN A 948 -20.04 -23.26 -5.01
C ASN A 948 -19.36 -23.99 -3.87
N ASP A 949 -19.59 -25.30 -3.76
CA ASP A 949 -18.86 -26.15 -2.83
C ASP A 949 -17.39 -25.77 -2.80
N ILE A 950 -16.88 -25.52 -1.59
CA ILE A 950 -15.56 -24.90 -1.44
C ILE A 950 -14.46 -25.92 -1.58
N VAL A 951 -14.65 -27.11 -1.03
CA VAL A 951 -13.59 -28.09 -0.87
C VAL A 951 -13.67 -29.08 -2.03
N THR A 952 -12.57 -29.22 -2.77
CA THR A 952 -12.51 -30.15 -3.89
C THR A 952 -11.05 -30.56 -4.12
N GLU A 953 -10.81 -31.30 -5.19
CA GLU A 953 -9.49 -31.84 -5.52
C GLU A 953 -8.68 -30.93 -6.45
N GLN A 954 -8.95 -29.63 -6.45
CA GLN A 954 -8.07 -28.66 -7.10
C GLN A 954 -6.98 -28.18 -6.17
N SER A 955 -7.23 -28.26 -4.86
CA SER A 955 -6.32 -27.83 -3.82
C SER A 955 -4.86 -27.63 -4.22
N ILE A 956 -4.17 -28.72 -4.56
CA ILE A 956 -2.72 -28.76 -4.55
C ILE A 956 -2.07 -27.56 -5.23
N ALA A 957 -2.68 -27.05 -6.30
CA ALA A 957 -2.11 -25.89 -6.98
C ALA A 957 -2.45 -24.58 -6.28
N PHE A 958 -3.47 -24.59 -5.41
CA PHE A 958 -3.94 -23.39 -4.71
C PHE A 958 -3.59 -23.57 -3.25
N HIS A 959 -4.55 -23.87 -2.38
CA HIS A 959 -4.33 -24.07 -0.94
C HIS A 959 -4.69 -25.52 -0.61
N PRO A 960 -3.72 -26.40 -0.40
CA PRO A 960 -4.06 -27.68 0.26
C PRO A 960 -4.95 -27.42 1.47
N LEU A 961 -5.91 -28.32 1.70
CA LEU A 961 -7.07 -27.99 2.50
C LEU A 961 -6.71 -27.82 3.97
N THR A 962 -7.19 -26.73 4.56
CA THR A 962 -6.94 -26.47 5.97
C THR A 962 -7.92 -27.23 6.86
N ALA A 963 -7.51 -27.39 8.12
CA ALA A 963 -8.37 -28.03 9.11
C ALA A 963 -9.75 -27.38 9.14
N GLU A 964 -9.79 -26.05 9.03
CA GLU A 964 -11.08 -25.37 9.09
C GLU A 964 -11.90 -25.65 7.83
N GLN A 965 -11.25 -25.68 6.67
CA GLN A 965 -11.99 -26.02 5.45
C GLN A 965 -12.65 -27.39 5.60
N LEU A 966 -11.93 -28.35 6.19
CA LEU A 966 -12.51 -29.67 6.38
C LEU A 966 -13.60 -29.65 7.46
N ARG A 967 -13.39 -28.91 8.56
CA ARG A 967 -14.45 -28.80 9.55
C ARG A 967 -15.73 -28.31 8.89
N TYR A 968 -15.66 -27.20 8.17
CA TYR A 968 -16.81 -26.65 7.46
C TYR A 968 -17.40 -27.67 6.49
N HIS A 969 -16.54 -28.35 5.73
CA HIS A 969 -17.02 -29.29 4.74
C HIS A 969 -17.79 -30.43 5.39
N GLN A 970 -17.29 -30.96 6.50
CA GLN A 970 -17.97 -32.05 7.18
C GLN A 970 -19.26 -31.55 7.83
N LEU A 971 -19.23 -30.32 8.35
CA LEU A 971 -20.47 -29.72 8.86
C LEU A 971 -21.54 -29.71 7.78
N CYS A 972 -21.24 -29.13 6.62
CA CYS A 972 -22.21 -29.09 5.55
C CYS A 972 -22.64 -30.50 5.15
N LYS A 973 -21.65 -31.36 4.87
CA LYS A 973 -21.95 -32.73 4.48
C LYS A 973 -22.94 -33.40 5.41
N ASN A 974 -22.76 -33.24 6.72
CA ASN A 974 -23.49 -34.05 7.69
C ASN A 974 -24.76 -33.39 8.22
N ASN A 975 -24.76 -32.09 8.43
CA ASN A 975 -25.87 -31.43 9.10
C ASN A 975 -26.59 -30.42 8.23
N ASP A 976 -26.18 -30.24 6.96
CA ASP A 976 -26.87 -29.32 6.08
C ASP A 976 -28.02 -30.08 5.45
N PRO A 977 -29.28 -29.82 5.83
CA PRO A 977 -30.41 -30.53 5.23
C PRO A 977 -30.24 -30.84 3.76
N VAL A 978 -29.82 -29.82 3.02
CA VAL A 978 -29.73 -29.89 1.57
C VAL A 978 -29.16 -31.21 1.08
N HIS A 979 -28.02 -31.63 1.62
CA HIS A 979 -27.34 -32.80 1.09
C HIS A 979 -27.72 -34.08 1.81
N ASN A 980 -28.55 -34.01 2.84
CA ASN A 980 -28.94 -35.23 3.54
C ASN A 980 -30.40 -35.56 3.38
N ILE A 981 -31.28 -34.58 3.43
CA ILE A 981 -32.70 -34.87 3.35
C ILE A 981 -33.13 -34.86 1.89
N SER A 982 -34.10 -35.71 1.56
CA SER A 982 -34.77 -35.69 0.28
C SER A 982 -35.87 -34.63 0.29
N LEU A 983 -35.99 -33.88 -0.82
CA LEU A 983 -37.10 -32.95 -0.96
C LEU A 983 -38.42 -33.68 -0.92
N LYS A 984 -38.54 -34.76 -1.71
CA LYS A 984 -39.74 -35.59 -1.72
C LYS A 984 -40.13 -36.00 -0.30
N ASP A 985 -39.19 -36.60 0.42
CA ASP A 985 -39.46 -37.03 1.79
C ASP A 985 -39.92 -35.86 2.65
N PHE A 986 -39.25 -34.71 2.51
CA PHE A 986 -39.61 -33.58 3.36
C PHE A 986 -41.04 -33.12 3.09
N ILE A 987 -41.43 -33.06 1.82
CA ILE A 987 -42.79 -32.64 1.46
C ILE A 987 -43.81 -33.59 2.09
N SER A 988 -43.62 -34.89 1.85
CA SER A 988 -44.60 -35.85 2.36
C SER A 988 -44.68 -35.81 3.88
N GLN A 989 -43.52 -35.73 4.55
CA GLN A 989 -43.52 -35.68 6.01
C GLN A 989 -44.11 -34.38 6.54
N SER A 990 -43.95 -33.27 5.82
CA SER A 990 -44.62 -32.04 6.20
C SER A 990 -46.13 -32.21 6.16
N MSE A 991 -46.63 -32.86 5.12
CA MSE A 991 -48.07 -33.09 5.05
C MSE A 991 -48.54 -33.99 6.20
O MSE A 991 -49.61 -33.80 6.76
CB MSE A 991 -48.45 -33.71 3.71
CG MSE A 991 -48.18 -32.79 2.54
SE MSE A 991 -49.13 -31.07 2.71
CE MSE A 991 -50.95 -31.71 2.56
H MSE A 991 -46.18 -33.16 4.46
HA MSE A 991 -48.54 -32.25 5.11
HB2 MSE A 991 -47.95 -34.53 3.59
HB3 MSE A 991 -49.41 -33.92 3.72
HG2 MSE A 991 -47.24 -32.61 2.48
HG3 MSE A 991 -48.49 -33.22 1.72
HE1 MSE A 991 -51.55 -30.95 2.48
HE2 MSE A 991 -51.02 -32.27 1.77
HE3 MSE A 991 -51.17 -32.22 3.35
N GLU A 992 -47.71 -34.97 6.55
CA GLU A 992 -48.03 -35.82 7.70
C GLU A 992 -48.07 -34.99 8.98
N TYR A 993 -47.15 -34.03 9.12
CA TYR A 993 -47.17 -33.16 10.29
C TYR A 993 -48.44 -32.33 10.34
N LEU A 994 -48.92 -31.90 9.18
CA LEU A 994 -50.20 -31.19 9.16
C LEU A 994 -51.33 -32.11 9.60
N GLU A 995 -51.36 -33.33 9.05
CA GLU A 995 -52.42 -34.27 9.37
C GLU A 995 -52.43 -34.62 10.85
N SER A 996 -51.27 -34.53 11.51
CA SER A 996 -51.19 -34.85 12.93
C SER A 996 -51.35 -33.63 13.84
N HIS A 997 -50.71 -32.51 13.50
CA HIS A 997 -50.88 -31.28 14.27
C HIS A 997 -52.31 -30.77 14.15
N LEU A 998 -52.81 -30.62 12.93
CA LEU A 998 -54.23 -30.43 12.73
C LEU A 998 -54.96 -31.72 13.04
N GLY A 999 -56.23 -31.60 13.43
CA GLY A 999 -57.08 -32.78 13.51
C GLY A 999 -57.30 -33.36 12.12
N VAL A 1000 -57.31 -34.69 12.04
CA VAL A 1000 -57.59 -35.34 10.76
C VAL A 1000 -58.91 -34.83 10.21
N GLU A 1001 -59.87 -34.53 11.08
CA GLU A 1001 -61.02 -33.75 10.67
C GLU A 1001 -60.57 -32.45 10.02
N ARG A 1002 -59.80 -31.65 10.75
CA ARG A 1002 -59.36 -30.35 10.23
C ARG A 1002 -58.49 -30.51 9.00
N TYR A 1003 -57.66 -31.56 8.95
CA TYR A 1003 -56.74 -31.74 7.82
C TYR A 1003 -57.48 -32.12 6.55
N GLN A 1004 -58.35 -33.14 6.63
CA GLN A 1004 -59.16 -33.49 5.48
C GLN A 1004 -60.02 -32.30 5.05
N GLU A 1005 -60.51 -31.52 6.02
CA GLU A 1005 -61.25 -30.31 5.68
C GLU A 1005 -60.38 -29.34 4.91
N PHE A 1006 -59.19 -29.03 5.43
CA PHE A 1006 -58.26 -28.15 4.77
C PHE A 1006 -58.01 -28.55 3.33
N LEU A 1007 -57.81 -29.84 3.08
CA LEU A 1007 -57.49 -30.29 1.73
C LEU A 1007 -58.55 -29.91 0.71
N LYS A 1008 -59.76 -29.56 1.17
CA LYS A 1008 -60.82 -29.06 0.28
C LYS A 1008 -61.18 -27.61 0.56
N THR A 1009 -60.75 -27.06 1.71
CA THR A 1009 -60.99 -25.65 2.02
C THR A 1009 -60.16 -24.76 1.10
N ILE A 1010 -58.85 -24.97 1.08
CA ILE A 1010 -58.02 -24.39 0.02
C ILE A 1010 -58.54 -24.92 -1.31
N ASN A 1011 -58.79 -24.01 -2.26
CA ASN A 1011 -59.56 -24.27 -3.47
C ASN A 1011 -59.47 -25.73 -3.89
N PRO A 1012 -60.56 -26.49 -3.78
CA PRO A 1012 -60.46 -27.95 -3.97
C PRO A 1012 -60.31 -28.38 -5.42
N SER A 1013 -60.70 -27.55 -6.39
CA SER A 1013 -60.51 -27.90 -7.79
C SER A 1013 -59.07 -27.67 -8.23
N LEU A 1014 -58.55 -26.45 -8.01
CA LEU A 1014 -57.13 -26.22 -8.20
C LEU A 1014 -56.33 -27.26 -7.44
N LEU A 1015 -56.80 -27.68 -6.27
CA LEU A 1015 -56.08 -28.71 -5.52
C LEU A 1015 -56.23 -30.06 -6.19
N GLU A 1016 -57.39 -30.36 -6.79
CA GLU A 1016 -57.53 -31.58 -7.57
C GLU A 1016 -56.39 -31.67 -8.58
N ASN A 1017 -56.11 -30.54 -9.13
CA ASN A 1017 -55.18 -30.53 -10.20
C ASN A 1017 -53.80 -30.69 -9.63
N LEU A 1018 -53.49 -29.74 -8.79
CA LEU A 1018 -52.18 -29.64 -8.17
C LEU A 1018 -51.77 -30.96 -7.52
N GLN A 1019 -52.69 -31.60 -6.82
CA GLN A 1019 -52.40 -32.87 -6.16
C GLN A 1019 -52.31 -34.00 -7.15
N MSE A 1020 -53.04 -33.93 -8.28
CA MSE A 1020 -52.84 -34.87 -9.38
C MSE A 1020 -51.35 -34.91 -9.69
O MSE A 1020 -50.74 -35.97 -9.81
CB MSE A 1020 -53.64 -34.50 -10.62
CG MSE A 1020 -53.40 -35.42 -11.82
SE MSE A 1020 -54.57 -35.14 -13.39
CE MSE A 1020 -53.81 -36.40 -14.66
H MSE A 1020 -53.65 -33.34 -8.43
HA MSE A 1020 -53.17 -35.75 -9.12
HB2 MSE A 1020 -54.59 -34.54 -10.41
HB3 MSE A 1020 -53.41 -33.60 -10.88
HG2 MSE A 1020 -52.48 -35.30 -12.12
HG3 MSE A 1020 -53.53 -36.34 -11.53
HE1 MSE A 1020 -54.33 -36.38 -15.48
HE2 MSE A 1020 -52.90 -36.15 -14.85
HE3 MSE A 1020 -53.83 -37.28 -14.28
N PHE A 1021 -50.74 -33.71 -9.82
CA PHE A 1021 -49.32 -33.71 -10.17
C PHE A 1021 -48.42 -33.98 -8.96
N LEU A 1022 -48.79 -33.47 -7.79
CA LEU A 1022 -47.94 -33.58 -6.61
C LEU A 1022 -47.81 -35.02 -6.14
N SER A 1023 -48.90 -35.78 -6.19
CA SER A 1023 -48.92 -37.15 -5.73
C SER A 1023 -48.17 -38.09 -6.67
N ILE A 1024 -47.66 -37.61 -7.80
CA ILE A 1024 -46.85 -38.43 -8.68
C ILE A 1024 -45.54 -38.70 -7.97
N GLN A 1025 -45.43 -39.87 -7.32
CA GLN A 1025 -44.27 -40.24 -6.53
C GLN A 1025 -43.58 -41.45 -7.16
N PRO A 1026 -42.61 -41.24 -8.04
CA PRO A 1026 -41.93 -42.38 -8.69
C PRO A 1026 -40.86 -43.03 -7.82
N GLN A 1027 -39.87 -43.64 -8.46
CA GLN A 1027 -38.76 -44.27 -7.76
C GLN A 1027 -38.00 -43.27 -6.90
#